data_7CS9
#
_entry.id   7CS9
#
_cell.length_a   81.727
_cell.length_b   134.916
_cell.length_c   142.046
_cell.angle_alpha   90.000
_cell.angle_beta   90.000
_cell.angle_gamma   90.000
#
_symmetry.space_group_name_H-M   'P 21 21 21'
#
_entity_poly.entity_id   1
_entity_poly.type   'polypeptide(L)'
_entity_poly.pdbx_seq_one_letter_code
;MGESKRTEKTRVLVVGATGYIGKRIVRACLAEGHETYVLQRPEIGLEIEKVQLFLSFKKLGARIVEGSFSDHQSLVSAVK
LVDVVVSAMSGVHFRSHNILVQLKLVEAIKEAGNVKRFLPSEFGMDPPRMGHALPPGRETFDQKMEVRQAIEAAGIPYTY
VVGACFAAYFAGNLSQMVTLLPPKEKVNIYGDGNVKVVFADEDDIAKYTAKTLNDPRTLNKTVNIRPPDNVLTQLELVQI
WEKLTGKELEKTNIAAQDFLANIEQMEIPHQAGIGHFYHIFYEGCLTDHEVGEDEEASSLYPDVKYKRMDDYLRMFL
;
_entity_poly.pdbx_strand_id   B,C,A,D
#
# COMPACT_ATOMS: atom_id res chain seq x y z
N LYS A 9 -47.08 -1.88 9.89
CA LYS A 9 -47.04 -0.43 9.74
C LYS A 9 -45.81 0.23 10.35
N THR A 10 -45.58 1.47 9.89
CA THR A 10 -44.35 2.24 10.10
C THR A 10 -43.27 1.68 9.19
N ARG A 11 -43.20 2.22 7.97
CA ARG A 11 -42.16 1.86 7.02
C ARG A 11 -40.89 2.67 7.33
N VAL A 12 -39.74 2.00 7.38
CA VAL A 12 -38.50 2.60 7.84
C VAL A 12 -37.40 2.40 6.81
N LEU A 13 -36.75 3.49 6.40
CA LEU A 13 -35.56 3.42 5.55
C LEU A 13 -34.30 3.56 6.41
N VAL A 14 -33.34 2.66 6.18
CA VAL A 14 -32.08 2.67 6.91
C VAL A 14 -30.99 3.01 5.91
N VAL A 15 -30.22 4.05 6.19
CA VAL A 15 -29.09 4.43 5.34
C VAL A 15 -27.82 4.29 6.16
N GLY A 16 -26.85 3.57 5.61
CA GLY A 16 -25.69 3.14 6.36
C GLY A 16 -25.74 1.70 6.85
N ALA A 17 -26.51 0.82 6.18
CA ALA A 17 -26.74 -0.52 6.70
C ALA A 17 -25.53 -1.43 6.62
N THR A 18 -24.41 -0.99 6.05
CA THR A 18 -23.18 -1.78 6.06
C THR A 18 -22.29 -1.47 7.26
N GLY A 19 -22.70 -0.47 8.08
CA GLY A 19 -21.91 -0.05 9.22
C GLY A 19 -22.09 -0.92 10.43
N TYR A 20 -21.14 -0.79 11.36
CA TYR A 20 -21.16 -1.59 12.57
C TYR A 20 -22.51 -1.54 13.27
N ILE A 21 -22.97 -0.33 13.62
CA ILE A 21 -24.29 -0.22 14.27
C ILE A 21 -25.43 -0.40 13.26
N GLY A 22 -25.20 -0.15 11.98
CA GLY A 22 -26.28 -0.18 11.00
C GLY A 22 -26.71 -1.58 10.59
N LYS A 23 -25.78 -2.54 10.58
CA LYS A 23 -26.17 -3.95 10.58
C LYS A 23 -27.25 -4.14 11.63
N ARG A 24 -26.92 -3.79 12.87
CA ARG A 24 -27.75 -4.10 14.01
C ARG A 24 -29.09 -3.37 13.96
N ILE A 25 -29.11 -2.17 13.39
CA ILE A 25 -30.37 -1.44 13.34
C ILE A 25 -31.34 -2.12 12.39
N VAL A 26 -30.85 -2.51 11.20
CA VAL A 26 -31.71 -3.19 10.24
C VAL A 26 -32.34 -4.43 10.86
N ARG A 27 -31.53 -5.26 11.52
CA ARG A 27 -32.05 -6.47 12.14
C ARG A 27 -32.92 -6.14 13.35
N ALA A 28 -32.66 -5.02 14.03
CA ALA A 28 -33.54 -4.67 15.14
C ALA A 28 -34.90 -4.21 14.63
N CYS A 29 -34.93 -3.51 13.50
CA CYS A 29 -36.18 -3.03 12.94
C CYS A 29 -37.00 -4.16 12.35
N LEU A 30 -36.35 -5.14 11.72
CA LEU A 30 -37.07 -6.30 11.22
C LEU A 30 -37.76 -7.04 12.36
N ALA A 31 -37.04 -7.22 13.48
CA ALA A 31 -37.58 -7.95 14.63
C ALA A 31 -38.56 -7.13 15.44
N GLU A 32 -38.51 -5.81 15.34
CA GLU A 32 -39.48 -5.01 16.07
C GLU A 32 -40.81 -4.95 15.33
N GLY A 33 -40.79 -5.18 14.01
CA GLY A 33 -42.00 -5.26 13.21
C GLY A 33 -42.16 -4.18 12.16
N HIS A 34 -41.21 -3.26 12.01
CA HIS A 34 -41.29 -2.28 10.94
C HIS A 34 -41.12 -2.94 9.58
N GLU A 35 -41.75 -2.34 8.56
CA GLU A 35 -41.38 -2.53 7.17
C GLU A 35 -40.01 -1.90 6.96
N THR A 36 -38.97 -2.71 6.81
CA THR A 36 -37.59 -2.22 6.84
C THR A 36 -37.04 -2.16 5.41
N TYR A 37 -36.87 -0.95 4.89
CA TYR A 37 -36.20 -0.72 3.62
C TYR A 37 -34.74 -0.40 3.88
N VAL A 38 -33.86 -0.94 3.04
CA VAL A 38 -32.43 -0.71 3.16
C VAL A 38 -31.95 -0.08 1.87
N LEU A 39 -31.34 1.10 1.97
CA LEU A 39 -30.73 1.76 0.83
C LEU A 39 -29.52 0.96 0.35
N GLN A 40 -29.48 0.65 -0.94
CA GLN A 40 -28.31 0.02 -1.56
C GLN A 40 -27.62 1.01 -2.46
N ARG A 41 -26.33 1.17 -2.29
CA ARG A 41 -25.64 2.14 -3.13
C ARG A 41 -24.74 1.41 -4.12
N PRO A 42 -24.06 2.08 -5.00
CA PRO A 42 -22.94 1.42 -5.70
C PRO A 42 -21.92 0.90 -4.70
N GLU A 43 -22.36 -0.11 -3.97
CA GLU A 43 -21.85 -0.45 -2.63
C GLU A 43 -20.66 -1.37 -2.68
N ILE A 44 -20.99 -2.65 -2.57
CA ILE A 44 -20.43 -3.59 -3.51
C ILE A 44 -21.12 -3.38 -4.80
N GLY A 45 -21.32 -4.47 -5.50
CA GLY A 45 -20.90 -4.47 -6.88
C GLY A 45 -19.46 -4.85 -6.59
N LEU A 46 -18.74 -3.95 -5.93
CA LEU A 46 -17.32 -3.99 -5.63
C LEU A 46 -16.90 -4.90 -4.45
N GLU A 47 -17.63 -4.96 -3.32
CA GLU A 47 -17.14 -5.65 -2.10
C GLU A 47 -18.05 -6.76 -1.59
N ILE A 48 -17.53 -8.01 -1.60
CA ILE A 48 -18.32 -9.22 -1.41
C ILE A 48 -19.16 -9.20 -0.13
N GLU A 49 -18.51 -8.95 1.01
CA GLU A 49 -19.18 -9.14 2.29
C GLU A 49 -20.27 -8.10 2.54
N LYS A 50 -20.40 -7.11 1.66
CA LYS A 50 -21.55 -6.22 1.69
C LYS A 50 -22.68 -6.61 0.74
N VAL A 51 -22.46 -7.47 -0.28
CA VAL A 51 -23.63 -8.01 -0.99
C VAL A 51 -24.26 -9.06 -0.09
N GLN A 52 -23.45 -10.02 0.36
CA GLN A 52 -23.96 -11.09 1.21
C GLN A 52 -24.70 -10.53 2.40
N LEU A 53 -24.10 -9.52 3.05
CA LEU A 53 -24.82 -8.83 4.11
C LEU A 53 -26.19 -8.37 3.65
N PHE A 54 -26.25 -7.75 2.46
CA PHE A 54 -27.55 -7.32 1.92
C PHE A 54 -28.46 -8.50 1.59
N LEU A 55 -27.88 -9.59 1.04
CA LEU A 55 -28.66 -10.81 0.78
C LEU A 55 -29.24 -11.36 2.09
N SER A 56 -28.41 -11.44 3.13
CA SER A 56 -28.89 -11.84 4.45
C SER A 56 -30.01 -10.92 4.91
N PHE A 57 -29.97 -9.63 4.57
CA PHE A 57 -31.08 -8.76 4.93
C PHE A 57 -32.36 -9.19 4.23
N LYS A 58 -32.30 -9.50 2.93
CA LYS A 58 -33.58 -9.72 2.26
C LYS A 58 -34.14 -11.10 2.56
N LYS A 59 -33.28 -12.08 2.84
CA LYS A 59 -33.72 -13.38 3.37
C LYS A 59 -34.49 -13.24 4.68
N LEU A 60 -34.37 -12.11 5.38
CA LEU A 60 -35.20 -11.81 6.55
C LEU A 60 -36.35 -10.86 6.22
N GLY A 61 -36.53 -10.50 4.96
CA GLY A 61 -37.63 -9.61 4.57
C GLY A 61 -37.32 -8.12 4.41
N ALA A 62 -36.05 -7.71 4.36
CA ALA A 62 -35.75 -6.32 4.06
C ALA A 62 -36.00 -6.02 2.57
N ARG A 63 -36.49 -4.82 2.28
CA ARG A 63 -36.71 -4.40 0.91
C ARG A 63 -35.57 -3.48 0.43
N ILE A 64 -34.89 -3.89 -0.65
CA ILE A 64 -33.71 -3.16 -1.12
C ILE A 64 -34.13 -1.98 -1.99
N VAL A 65 -33.58 -0.80 -1.67
CA VAL A 65 -33.82 0.42 -2.43
C VAL A 65 -32.49 0.95 -2.93
N GLU A 66 -32.32 1.03 -4.25
CA GLU A 66 -31.08 1.54 -4.79
C GLU A 66 -31.10 3.06 -4.80
N GLY A 67 -29.92 3.64 -4.60
CA GLY A 67 -29.79 5.08 -4.53
C GLY A 67 -28.32 5.44 -4.39
N SER A 68 -28.02 6.71 -4.66
CA SER A 68 -26.66 7.21 -4.54
C SER A 68 -26.67 8.58 -3.88
N PHE A 69 -25.64 8.87 -3.08
CA PHE A 69 -25.55 10.24 -2.59
C PHE A 69 -25.22 11.23 -3.71
N SER A 70 -24.59 10.76 -4.80
CA SER A 70 -24.35 11.58 -5.99
C SER A 70 -25.64 11.94 -6.72
N ASP A 71 -26.68 11.12 -6.61
CA ASP A 71 -27.91 11.28 -7.37
C ASP A 71 -28.98 11.77 -6.41
N HIS A 72 -29.30 13.05 -6.48
CA HIS A 72 -30.11 13.65 -5.42
C HIS A 72 -31.53 13.07 -5.40
N GLN A 73 -32.13 12.82 -6.57
CA GLN A 73 -33.52 12.38 -6.57
C GLN A 73 -33.67 10.87 -6.45
N SER A 74 -32.59 10.11 -6.69
CA SER A 74 -32.57 8.75 -6.18
C SER A 74 -32.72 8.74 -4.68
N LEU A 75 -32.13 9.73 -3.99
CA LEU A 75 -32.31 9.84 -2.54
C LEU A 75 -33.71 10.28 -2.18
N VAL A 76 -34.24 11.29 -2.86
CA VAL A 76 -35.64 11.60 -2.71
C VAL A 76 -36.46 10.34 -2.97
N SER A 77 -36.00 9.50 -3.93
CA SER A 77 -36.74 8.29 -4.22
C SER A 77 -36.77 7.24 -3.12
N ALA A 78 -35.65 6.88 -2.53
CA ALA A 78 -35.65 6.15 -1.30
C ALA A 78 -36.62 6.73 -0.29
N VAL A 79 -36.51 8.01 0.09
CA VAL A 79 -37.33 8.49 1.20
C VAL A 79 -38.79 8.76 0.85
N LYS A 80 -39.20 8.75 -0.42
CA LYS A 80 -40.64 8.78 -0.63
C LYS A 80 -41.34 7.59 -0.04
N LEU A 81 -40.65 6.47 0.06
CA LEU A 81 -41.31 5.20 0.32
C LEU A 81 -41.69 5.01 1.78
N VAL A 82 -41.12 5.78 2.72
CA VAL A 82 -41.18 5.42 4.13
C VAL A 82 -41.69 6.59 4.99
N ASP A 83 -42.02 6.26 6.24
CA ASP A 83 -42.42 7.26 7.23
C ASP A 83 -41.24 7.74 8.05
N VAL A 84 -40.22 6.92 8.20
CA VAL A 84 -39.10 7.23 9.07
C VAL A 84 -37.80 6.79 8.39
N VAL A 85 -36.81 7.71 8.37
CA VAL A 85 -35.45 7.44 7.91
C VAL A 85 -34.54 7.34 9.12
N VAL A 86 -33.59 6.41 9.08
CA VAL A 86 -32.59 6.24 10.13
C VAL A 86 -31.25 6.14 9.45
N SER A 87 -30.30 6.97 9.89
CA SER A 87 -28.97 7.02 9.31
C SER A 87 -27.94 6.49 10.30
N ALA A 88 -26.98 5.71 9.79
CA ALA A 88 -25.97 5.09 10.64
C ALA A 88 -24.60 5.13 9.98
N MET A 89 -24.23 6.28 9.40
CA MET A 89 -22.94 6.44 8.75
C MET A 89 -21.82 6.40 9.78
N SER A 90 -21.09 5.28 9.82
CA SER A 90 -20.03 5.02 10.80
C SER A 90 -18.67 5.55 10.33
N SER A 96 -12.05 10.88 4.17
CA SER A 96 -13.43 11.10 3.73
C SER A 96 -14.23 11.80 4.84
N HIS A 97 -15.38 12.34 4.47
CA HIS A 97 -16.29 13.03 5.39
C HIS A 97 -17.67 12.35 5.31
N ASN A 98 -17.89 11.39 6.22
CA ASN A 98 -19.06 10.53 6.20
C ASN A 98 -20.22 11.08 7.01
N ILE A 99 -19.97 12.00 7.94
CA ILE A 99 -21.08 12.57 8.68
C ILE A 99 -21.71 13.71 7.89
N LEU A 100 -20.87 14.47 7.17
CA LEU A 100 -21.34 15.64 6.42
C LEU A 100 -22.03 15.27 5.13
N VAL A 101 -21.83 14.05 4.62
CA VAL A 101 -22.62 13.61 3.47
C VAL A 101 -24.10 13.50 3.86
N GLN A 102 -24.40 13.29 5.15
CA GLN A 102 -25.78 13.29 5.62
C GLN A 102 -26.57 14.52 5.21
N LEU A 103 -25.91 15.63 4.89
CA LEU A 103 -26.66 16.81 4.51
C LEU A 103 -27.24 16.68 3.11
N LYS A 104 -26.59 15.91 2.22
CA LYS A 104 -27.22 15.56 0.93
C LYS A 104 -28.55 14.82 1.15
N LEU A 105 -28.61 13.98 2.19
CA LEU A 105 -29.84 13.28 2.51
C LEU A 105 -30.85 14.20 3.19
N VAL A 106 -30.38 15.16 4.00
CA VAL A 106 -31.32 16.02 4.73
C VAL A 106 -32.22 16.77 3.76
N GLU A 107 -31.65 17.35 2.70
CA GLU A 107 -32.47 18.09 1.73
C GLU A 107 -33.22 17.18 0.77
N ALA A 108 -32.75 15.95 0.55
CA ALA A 108 -33.64 14.96 -0.04
C ALA A 108 -34.90 14.77 0.82
N ILE A 109 -34.73 14.70 2.14
CA ILE A 109 -35.92 14.52 2.97
C ILE A 109 -36.79 15.77 2.92
N LYS A 110 -36.16 16.95 2.77
CA LYS A 110 -36.87 18.22 2.72
C LYS A 110 -37.67 18.35 1.43
N GLU A 111 -37.03 18.06 0.30
CA GLU A 111 -37.74 18.11 -0.97
C GLU A 111 -38.92 17.15 -0.97
N ALA A 112 -38.76 15.98 -0.34
CA ALA A 112 -39.80 14.94 -0.36
C ALA A 112 -40.99 15.31 0.52
N GLY A 113 -40.74 15.70 1.78
CA GLY A 113 -41.77 16.23 2.66
C GLY A 113 -42.67 15.20 3.31
N ASN A 114 -42.67 13.96 2.85
CA ASN A 114 -43.52 12.93 3.43
C ASN A 114 -42.97 12.37 4.74
N VAL A 115 -41.76 12.75 5.15
CA VAL A 115 -41.05 12.03 6.21
C VAL A 115 -41.57 12.49 7.56
N LYS A 116 -41.98 11.52 8.38
CA LYS A 116 -42.53 11.84 9.69
C LYS A 116 -41.45 11.93 10.76
N ARG A 117 -40.27 11.37 10.51
CA ARG A 117 -39.14 11.47 11.44
C ARG A 117 -37.84 11.10 10.75
N PHE A 118 -36.76 11.73 11.23
CA PHE A 118 -35.38 11.44 10.85
C PHE A 118 -34.60 11.17 12.14
N LEU A 119 -33.72 10.18 12.10
CA LEU A 119 -32.78 9.92 13.19
C LEU A 119 -31.38 9.96 12.61
N PRO A 120 -30.64 11.05 12.80
CA PRO A 120 -29.33 11.17 12.15
C PRO A 120 -28.31 10.26 12.80
N SER A 121 -27.14 10.19 12.20
CA SER A 121 -26.13 9.26 12.70
C SER A 121 -25.48 9.83 13.95
N GLU A 122 -26.13 9.58 15.08
CA GLU A 122 -25.63 9.95 16.40
C GLU A 122 -25.69 8.71 17.26
N PHE A 123 -24.58 8.11 17.63
CA PHE A 123 -24.84 7.05 18.59
C PHE A 123 -23.76 6.99 19.65
N GLY A 124 -23.10 8.13 19.90
CA GLY A 124 -22.02 8.26 20.85
C GLY A 124 -22.28 9.42 21.79
N MET A 125 -21.25 10.24 22.02
CA MET A 125 -21.40 11.37 22.91
C MET A 125 -22.38 12.41 22.34
N ASP A 126 -23.13 13.03 23.23
CA ASP A 126 -24.13 14.04 22.86
C ASP A 126 -23.41 15.31 22.36
N PRO A 127 -23.53 15.67 21.07
CA PRO A 127 -22.65 16.70 20.47
C PRO A 127 -22.79 18.10 21.08
N PRO A 128 -23.99 18.63 21.32
CA PRO A 128 -24.06 20.00 21.84
C PRO A 128 -23.47 20.14 23.24
N ARG A 129 -22.98 19.07 23.86
CA ARG A 129 -22.34 19.12 25.17
C ARG A 129 -20.83 19.06 25.05
N MET A 130 -20.31 19.14 23.84
CA MET A 130 -18.89 18.98 23.53
C MET A 130 -18.33 20.25 22.89
N GLY A 131 -18.72 21.39 23.44
CA GLY A 131 -18.29 22.66 22.88
C GLY A 131 -16.82 22.94 23.07
N HIS A 132 -16.25 22.50 24.19
CA HIS A 132 -14.83 22.66 24.50
C HIS A 132 -14.09 21.33 24.46
N ALA A 133 -14.48 20.47 23.53
CA ALA A 133 -13.76 19.24 23.23
C ALA A 133 -12.36 19.52 22.69
N LEU A 134 -11.59 18.46 22.44
CA LEU A 134 -10.18 18.57 22.11
C LEU A 134 -9.96 18.38 20.62
N PRO A 135 -9.27 19.29 19.90
CA PRO A 135 -8.91 18.91 18.53
C PRO A 135 -7.99 17.68 18.52
N PRO A 136 -8.06 16.85 17.47
CA PRO A 136 -8.98 16.86 16.32
C PRO A 136 -10.34 16.21 16.62
N GLY A 137 -10.41 15.44 17.71
CA GLY A 137 -11.66 14.86 18.18
C GLY A 137 -12.90 15.74 18.06
N ARG A 138 -12.74 17.06 18.22
CA ARG A 138 -13.92 17.93 18.15
C ARG A 138 -14.63 17.84 16.81
N GLU A 139 -13.91 17.49 15.74
CA GLU A 139 -14.51 17.55 14.41
C GLU A 139 -15.79 16.75 14.32
N THR A 140 -15.78 15.54 14.92
CA THR A 140 -16.98 14.69 15.00
C THR A 140 -18.19 15.50 15.46
N PHE A 141 -18.08 16.09 16.65
CA PHE A 141 -19.22 16.74 17.28
C PHE A 141 -19.67 17.96 16.51
N ASP A 142 -18.74 18.71 15.89
CA ASP A 142 -19.18 19.87 15.12
C ASP A 142 -19.84 19.43 13.82
N GLN A 143 -19.27 18.42 13.15
CA GLN A 143 -19.90 17.89 11.95
C GLN A 143 -21.31 17.37 12.27
N LYS A 144 -21.48 16.71 13.42
CA LYS A 144 -22.80 16.23 13.80
C LYS A 144 -23.73 17.39 14.13
N MET A 145 -23.20 18.46 14.75
CA MET A 145 -24.03 19.62 15.06
C MET A 145 -24.43 20.36 13.80
N GLU A 146 -23.58 20.33 12.76
CA GLU A 146 -23.99 20.87 11.48
C GLU A 146 -25.26 20.19 10.98
N VAL A 147 -25.33 18.84 11.11
CA VAL A 147 -26.46 18.09 10.60
C VAL A 147 -27.74 18.39 11.40
N ARG A 148 -27.65 18.45 12.73
CA ARG A 148 -28.80 18.87 13.52
C ARG A 148 -29.40 20.16 12.98
N GLN A 149 -28.54 21.16 12.70
CA GLN A 149 -29.03 22.47 12.29
C GLN A 149 -29.73 22.41 10.95
N ALA A 150 -29.17 21.64 10.01
CA ALA A 150 -29.87 21.42 8.74
C ALA A 150 -31.25 20.86 8.99
N ILE A 151 -31.33 19.85 9.87
CA ILE A 151 -32.60 19.24 10.26
C ILE A 151 -33.56 20.30 10.79
N GLU A 152 -33.15 20.99 11.86
CA GLU A 152 -34.07 21.92 12.52
C GLU A 152 -34.41 23.11 11.64
N ALA A 153 -33.48 23.54 10.78
CA ALA A 153 -33.82 24.62 9.85
C ALA A 153 -34.80 24.17 8.79
N ALA A 154 -34.78 22.88 8.43
CA ALA A 154 -35.76 22.40 7.49
C ALA A 154 -37.09 22.09 8.18
N GLY A 155 -37.15 22.09 9.51
CA GLY A 155 -38.37 21.67 10.18
C GLY A 155 -38.69 20.21 10.00
N ILE A 156 -37.66 19.38 9.96
CA ILE A 156 -37.80 17.92 9.85
C ILE A 156 -37.88 17.37 11.28
N PRO A 157 -38.96 16.71 11.68
CA PRO A 157 -39.02 16.20 13.05
C PRO A 157 -37.99 15.10 13.24
N TYR A 158 -37.47 15.01 14.46
CA TYR A 158 -36.19 14.34 14.66
C TYR A 158 -36.22 13.55 15.95
N THR A 159 -35.31 12.58 16.04
CA THR A 159 -34.91 12.03 17.33
C THR A 159 -33.42 11.75 17.31
N TYR A 160 -32.73 12.12 18.41
CA TYR A 160 -31.29 11.94 18.55
C TYR A 160 -31.01 10.91 19.63
N VAL A 161 -30.32 9.84 19.27
CA VAL A 161 -30.01 8.76 20.19
C VAL A 161 -28.57 8.92 20.66
N VAL A 162 -28.38 9.23 21.93
CA VAL A 162 -27.05 9.49 22.43
C VAL A 162 -26.85 8.70 23.71
N GLY A 163 -25.58 8.57 24.12
CA GLY A 163 -25.33 8.41 25.53
C GLY A 163 -24.42 7.32 25.99
N ALA A 164 -24.08 6.37 25.13
CA ALA A 164 -23.48 5.14 25.62
C ALA A 164 -22.31 4.71 24.76
N CYS A 165 -21.23 4.33 25.42
CA CYS A 165 -20.12 3.64 24.77
C CYS A 165 -20.54 2.28 24.28
N PHE A 166 -20.15 1.93 23.05
CA PHE A 166 -20.39 0.60 22.49
C PHE A 166 -19.56 -0.45 23.24
N ALA A 167 -20.22 -1.45 23.82
CA ALA A 167 -19.51 -2.45 24.62
C ALA A 167 -18.34 -3.11 23.89
N ALA A 168 -18.43 -3.23 22.57
CA ALA A 168 -17.36 -3.91 21.84
C ALA A 168 -16.09 -3.09 21.84
N TYR A 169 -16.24 -1.76 21.74
CA TYR A 169 -15.09 -0.87 21.65
C TYR A 169 -14.56 -0.38 23.00
N PHE A 170 -15.38 -0.42 24.06
CA PHE A 170 -14.97 0.03 25.38
C PHE A 170 -15.04 -1.02 26.48
N ALA A 171 -15.91 -2.03 26.37
CA ALA A 171 -16.14 -2.97 27.46
C ALA A 171 -15.46 -4.32 27.29
N GLY A 172 -15.43 -4.88 26.08
CA GLY A 172 -14.71 -6.12 25.84
C GLY A 172 -13.19 -6.02 25.82
N ASN A 173 -12.63 -4.82 25.59
CA ASN A 173 -11.19 -4.65 25.69
C ASN A 173 -10.75 -4.13 27.04
N LEU A 174 -11.70 -3.96 27.98
CA LEU A 174 -11.45 -3.36 29.29
C LEU A 174 -11.00 -1.91 29.15
N SER A 175 -11.50 -1.26 28.11
CA SER A 175 -11.19 0.13 27.77
C SER A 175 -9.73 0.35 27.42
N GLN A 176 -9.00 -0.70 27.07
CA GLN A 176 -7.68 -0.46 26.56
C GLN A 176 -7.77 0.04 25.12
N MET A 177 -6.67 0.58 24.63
CA MET A 177 -6.59 0.91 23.22
C MET A 177 -5.76 -0.13 22.50
N VAL A 178 -5.83 -0.10 21.17
CA VAL A 178 -4.97 -0.92 20.32
C VAL A 178 -5.35 -2.39 20.39
N THR A 179 -6.34 -2.75 21.21
CA THR A 179 -6.88 -4.09 21.19
C THR A 179 -8.38 -4.06 21.47
N LEU A 180 -9.06 -5.08 20.95
CA LEU A 180 -10.50 -5.25 21.13
C LEU A 180 -10.83 -6.47 21.99
N LEU A 181 -9.89 -6.94 22.80
CA LEU A 181 -10.07 -8.14 23.60
C LEU A 181 -9.50 -7.90 25.01
N PRO A 182 -9.96 -8.69 25.98
CA PRO A 182 -9.41 -8.55 27.33
C PRO A 182 -7.95 -8.87 27.32
N PRO A 183 -7.16 -8.24 28.21
CA PRO A 183 -5.73 -8.51 28.27
C PRO A 183 -5.41 -9.75 29.10
N LYS A 184 -4.18 -10.25 28.94
CA LYS A 184 -3.82 -11.51 29.58
C LYS A 184 -3.22 -11.35 30.98
N GLU A 185 -2.53 -10.24 31.29
CA GLU A 185 -2.10 -10.03 32.68
C GLU A 185 -2.14 -8.57 33.15
N LYS A 186 -1.86 -7.60 32.26
CA LYS A 186 -1.60 -6.21 32.63
C LYS A 186 -2.69 -5.29 32.07
N VAL A 187 -3.23 -4.39 32.90
CA VAL A 187 -4.30 -3.49 32.46
C VAL A 187 -4.02 -2.07 32.96
N ASN A 188 -4.26 -1.09 32.09
CA ASN A 188 -4.10 0.32 32.43
C ASN A 188 -5.41 0.84 33.02
N ILE A 189 -5.31 1.59 34.11
CA ILE A 189 -6.46 2.28 34.69
C ILE A 189 -6.25 3.76 34.46
N TYR A 190 -7.30 4.44 34.01
CA TYR A 190 -7.19 5.82 33.58
C TYR A 190 -7.56 6.74 34.74
N GLY A 191 -6.59 7.52 35.21
CA GLY A 191 -6.76 8.22 36.47
C GLY A 191 -6.88 7.21 37.57
N ASP A 192 -7.75 7.52 38.55
CA ASP A 192 -7.96 6.60 39.65
C ASP A 192 -8.88 5.46 39.28
N GLY A 193 -9.53 5.56 38.12
CA GLY A 193 -10.43 4.53 37.72
C GLY A 193 -11.78 4.64 38.36
N ASN A 194 -12.07 5.78 38.99
CA ASN A 194 -13.31 6.06 39.67
C ASN A 194 -14.22 6.95 38.85
N VAL A 195 -13.98 7.10 37.57
CA VAL A 195 -14.91 7.90 36.78
C VAL A 195 -15.90 6.96 36.12
N LYS A 196 -17.18 7.29 36.22
CA LYS A 196 -18.26 6.45 35.72
C LYS A 196 -18.49 6.67 34.23
N VAL A 197 -18.58 5.56 33.51
CA VAL A 197 -18.82 5.54 32.07
C VAL A 197 -20.11 4.75 31.81
N VAL A 198 -20.75 5.01 30.67
CA VAL A 198 -21.96 4.31 30.26
C VAL A 198 -21.60 3.30 29.18
N PHE A 199 -21.86 2.02 29.43
CA PHE A 199 -21.66 0.96 28.45
C PHE A 199 -23.01 0.40 28.00
N ALA A 200 -23.10 0.03 26.73
CA ALA A 200 -24.33 -0.57 26.23
C ALA A 200 -23.97 -1.55 25.12
N ASP A 201 -24.53 -2.77 25.18
CA ASP A 201 -24.37 -3.69 24.07
C ASP A 201 -24.96 -3.04 22.82
N GLU A 202 -24.23 -3.18 21.71
CA GLU A 202 -24.66 -2.58 20.47
C GLU A 202 -26.01 -3.11 20.03
N ASP A 203 -26.26 -4.41 20.27
CA ASP A 203 -27.59 -4.95 20.00
C ASP A 203 -28.66 -4.20 20.78
N ASP A 204 -28.42 -3.95 22.07
CA ASP A 204 -29.45 -3.21 22.81
C ASP A 204 -29.56 -1.75 22.34
N ILE A 205 -28.48 -1.13 21.85
CA ILE A 205 -28.66 0.19 21.23
C ILE A 205 -29.48 0.07 19.95
N ALA A 206 -29.27 -0.99 19.19
CA ALA A 206 -30.07 -1.15 17.97
C ALA A 206 -31.54 -1.36 18.31
N LYS A 207 -31.82 -2.12 19.36
CA LYS A 207 -33.21 -2.38 19.73
C LYS A 207 -33.86 -1.11 20.27
N TYR A 208 -33.19 -0.40 21.18
CA TYR A 208 -33.70 0.89 21.63
C TYR A 208 -33.96 1.83 20.46
N THR A 209 -33.13 1.74 19.41
CA THR A 209 -33.33 2.56 18.21
C THR A 209 -34.58 2.15 17.48
N ALA A 210 -34.82 0.83 17.36
CA ALA A 210 -36.04 0.32 16.73
C ALA A 210 -37.28 0.70 17.52
N LYS A 211 -37.19 0.79 18.84
CA LYS A 211 -38.39 1.12 19.59
C LYS A 211 -38.64 2.62 19.65
N THR A 212 -37.61 3.45 19.57
CA THR A 212 -37.90 4.86 19.79
C THR A 212 -38.43 5.57 18.54
N LEU A 213 -38.24 5.01 17.34
CA LEU A 213 -38.45 5.79 16.13
C LEU A 213 -39.93 6.05 15.82
N ASN A 214 -40.86 5.23 16.32
CA ASN A 214 -42.29 5.52 16.18
C ASN A 214 -42.94 5.80 17.53
N ASP A 215 -42.14 6.13 18.54
CA ASP A 215 -42.66 6.41 19.86
C ASP A 215 -43.06 7.89 19.92
N PRO A 216 -44.31 8.20 20.25
CA PRO A 216 -44.72 9.61 20.33
C PRO A 216 -43.97 10.44 21.38
N ARG A 217 -43.41 9.81 22.41
CA ARG A 217 -42.85 10.52 23.56
C ARG A 217 -41.43 10.98 23.33
N THR A 218 -40.84 10.66 22.20
CA THR A 218 -39.46 11.04 21.89
C THR A 218 -39.38 11.87 20.62
N LEU A 219 -40.51 12.34 20.10
CA LEU A 219 -40.52 13.15 18.89
C LEU A 219 -39.89 14.51 19.20
N ASN A 220 -38.90 14.90 18.41
CA ASN A 220 -38.19 16.16 18.59
C ASN A 220 -37.49 16.23 19.94
N LYS A 221 -36.94 15.11 20.38
CA LYS A 221 -36.29 15.02 21.67
C LYS A 221 -34.95 14.30 21.50
N THR A 222 -34.13 14.40 22.54
CA THR A 222 -32.88 13.66 22.65
C THR A 222 -33.11 12.49 23.59
N VAL A 223 -32.87 11.26 23.11
CA VAL A 223 -33.00 10.06 23.96
C VAL A 223 -31.62 9.68 24.45
N ASN A 224 -31.49 9.51 25.77
CA ASN A 224 -30.28 9.00 26.36
C ASN A 224 -30.36 7.49 26.49
N ILE A 225 -29.23 6.83 26.29
CA ILE A 225 -29.13 5.42 26.61
C ILE A 225 -28.22 5.27 27.82
N ARG A 226 -28.80 5.34 29.01
CA ARG A 226 -28.05 5.16 30.25
C ARG A 226 -28.67 4.01 31.05
N PRO A 227 -28.44 2.76 30.65
CA PRO A 227 -28.97 1.62 31.41
C PRO A 227 -28.30 1.52 32.78
N PRO A 228 -29.10 1.58 33.86
CA PRO A 228 -28.52 1.82 35.19
C PRO A 228 -27.49 0.78 35.59
N ASP A 229 -27.78 -0.49 35.37
CA ASP A 229 -26.82 -1.54 35.72
C ASP A 229 -25.51 -1.42 34.96
N ASN A 230 -25.45 -0.60 33.90
CA ASN A 230 -24.29 -0.54 33.03
C ASN A 230 -23.58 0.79 33.11
N VAL A 231 -23.86 1.56 34.16
CA VAL A 231 -23.14 2.78 34.50
C VAL A 231 -22.02 2.37 35.46
N LEU A 232 -20.77 2.34 34.96
CA LEU A 232 -19.66 1.69 35.64
C LEU A 232 -18.43 2.59 35.64
N THR A 233 -17.64 2.54 36.71
CA THR A 233 -16.31 3.11 36.59
C THR A 233 -15.44 2.11 35.84
N GLN A 234 -14.37 2.62 35.24
CA GLN A 234 -13.43 1.71 34.56
C GLN A 234 -12.90 0.65 35.51
N LEU A 235 -12.69 1.01 36.78
CA LEU A 235 -12.18 0.05 37.73
C LEU A 235 -13.21 -1.04 38.06
N GLU A 236 -14.49 -0.70 38.17
CA GLU A 236 -15.48 -1.74 38.42
C GLU A 236 -15.52 -2.72 37.27
N LEU A 237 -15.55 -2.21 36.04
CA LEU A 237 -15.53 -3.03 34.84
C LEU A 237 -14.39 -4.05 34.87
N VAL A 238 -13.20 -3.61 35.29
CA VAL A 238 -12.06 -4.51 35.39
C VAL A 238 -12.33 -5.58 36.44
N GLN A 239 -12.90 -5.19 37.57
CA GLN A 239 -13.18 -6.14 38.64
C GLN A 239 -14.17 -7.21 38.18
N ILE A 240 -15.20 -6.81 37.42
CA ILE A 240 -16.07 -7.78 36.78
C ILE A 240 -15.25 -8.84 36.06
N TRP A 241 -14.30 -8.39 35.22
CA TRP A 241 -13.50 -9.37 34.49
C TRP A 241 -12.69 -10.21 35.46
N GLU A 242 -12.18 -9.59 36.52
CA GLU A 242 -11.38 -10.34 37.47
C GLU A 242 -12.21 -11.44 38.14
N LYS A 243 -13.48 -11.15 38.46
CA LYS A 243 -14.32 -12.11 39.15
C LYS A 243 -14.75 -13.27 38.24
N LEU A 244 -15.04 -12.97 36.97
CA LEU A 244 -15.33 -14.05 36.02
C LEU A 244 -14.13 -14.99 35.85
N THR A 245 -12.92 -14.47 35.98
CA THR A 245 -11.70 -15.21 35.64
C THR A 245 -11.00 -15.84 36.82
N GLY A 246 -11.19 -15.30 38.03
CA GLY A 246 -10.44 -15.77 39.17
C GLY A 246 -9.00 -15.32 39.24
N LYS A 247 -8.60 -14.34 38.41
CA LYS A 247 -7.25 -13.80 38.42
C LYS A 247 -7.27 -12.26 38.50
N GLU A 248 -6.55 -11.70 39.46
CA GLU A 248 -6.32 -10.26 39.45
C GLU A 248 -5.40 -9.92 38.29
N LEU A 249 -5.59 -8.73 37.75
CA LEU A 249 -4.64 -8.16 36.81
C LEU A 249 -3.80 -7.13 37.56
N GLU A 250 -2.50 -7.09 37.24
CA GLU A 250 -1.66 -6.01 37.78
C GLU A 250 -1.97 -4.72 37.03
N LYS A 251 -2.20 -3.65 37.79
CA LYS A 251 -2.85 -2.45 37.29
C LYS A 251 -1.95 -1.23 37.43
N THR A 252 -1.73 -0.52 36.34
CA THR A 252 -0.93 0.71 36.31
C THR A 252 -1.84 1.91 36.12
N ASN A 253 -1.89 2.81 37.11
CA ASN A 253 -2.70 4.02 36.96
C ASN A 253 -1.99 5.00 36.04
N ILE A 254 -2.76 5.69 35.21
CA ILE A 254 -2.25 6.53 34.13
C ILE A 254 -2.76 7.93 34.41
N ALA A 255 -1.84 8.86 34.68
CA ALA A 255 -2.26 10.22 34.99
C ALA A 255 -2.67 10.93 33.72
N ALA A 256 -3.54 11.95 33.88
CA ALA A 256 -4.12 12.62 32.73
C ALA A 256 -3.08 13.02 31.68
N GLN A 257 -1.97 13.62 32.12
CA GLN A 257 -1.03 14.14 31.14
C GLN A 257 -0.11 13.07 30.56
N ASP A 258 0.04 11.93 31.23
CA ASP A 258 0.66 10.77 30.60
C ASP A 258 -0.28 10.07 29.62
N PHE A 259 -1.57 10.43 29.65
CA PHE A 259 -2.53 9.83 28.74
C PHE A 259 -2.45 10.46 27.36
N LEU A 260 -2.39 11.80 27.32
CA LEU A 260 -2.21 12.54 26.08
C LEU A 260 -0.73 12.77 25.74
N ALA A 261 0.18 12.14 26.48
CA ALA A 261 1.60 12.19 26.15
C ALA A 261 1.81 11.78 24.70
N ASN A 262 2.49 12.63 23.95
CA ASN A 262 2.99 12.34 22.61
C ASN A 262 1.86 12.17 21.61
N ILE A 263 0.70 12.74 21.91
CA ILE A 263 -0.35 12.88 20.91
C ILE A 263 0.10 13.74 19.75
N GLU A 264 1.08 14.62 19.99
CA GLU A 264 1.22 15.95 19.39
C GLU A 264 0.73 16.03 17.95
N GLN A 265 1.55 15.52 17.05
CA GLN A 265 1.15 14.81 15.83
C GLN A 265 2.04 13.59 15.76
N MET A 266 2.16 12.87 16.88
CA MET A 266 3.03 11.72 16.92
C MET A 266 2.28 10.41 16.73
N GLU A 267 0.97 10.47 16.61
CA GLU A 267 0.14 9.39 16.12
C GLU A 267 -0.73 9.96 15.00
N ILE A 268 -1.06 9.13 14.01
CA ILE A 268 -1.97 9.52 12.93
C ILE A 268 -3.30 9.88 13.62
N PRO A 269 -4.18 10.75 13.07
CA PRO A 269 -5.50 10.98 13.72
C PRO A 269 -6.32 9.68 14.11
N HIS A 270 -5.65 8.96 15.00
CA HIS A 270 -6.16 8.16 16.10
C HIS A 270 -6.19 9.15 17.28
N GLN A 271 -5.55 10.33 17.07
CA GLN A 271 -5.65 11.42 18.01
C GLN A 271 -7.09 11.77 18.35
N ALA A 272 -7.98 11.64 17.37
CA ALA A 272 -9.38 11.92 17.63
C ALA A 272 -9.96 10.93 18.64
N GLY A 273 -9.61 9.64 18.49
CA GLY A 273 -10.11 8.63 19.40
C GLY A 273 -9.56 8.82 20.80
N ILE A 274 -8.25 9.06 20.92
CA ILE A 274 -7.61 9.26 22.22
C ILE A 274 -8.24 10.43 22.97
N GLY A 275 -8.76 11.43 22.25
CA GLY A 275 -9.35 12.59 22.90
C GLY A 275 -10.75 12.29 23.40
N HIS A 276 -11.56 11.68 22.54
CA HIS A 276 -12.86 11.18 22.99
C HIS A 276 -12.73 10.31 24.23
N PHE A 277 -11.71 9.46 24.26
CA PHE A 277 -11.47 8.62 25.44
C PHE A 277 -11.30 9.45 26.69
N TYR A 278 -10.55 10.57 26.58
CA TYR A 278 -10.26 11.43 27.72
C TYR A 278 -11.54 12.07 28.27
N HIS A 279 -12.34 12.67 27.38
CA HIS A 279 -13.60 13.27 27.82
C HIS A 279 -14.44 12.26 28.59
N ILE A 280 -14.43 10.99 28.14
CA ILE A 280 -15.25 9.97 28.78
C ILE A 280 -14.62 9.51 30.08
N PHE A 281 -13.36 9.06 30.03
CA PHE A 281 -12.77 8.36 31.17
C PHE A 281 -12.11 9.27 32.20
N TYR A 282 -11.75 10.50 31.84
CA TYR A 282 -11.12 11.45 32.76
C TYR A 282 -12.09 12.52 33.22
N GLU A 283 -12.88 13.06 32.32
CA GLU A 283 -13.83 14.07 32.72
C GLU A 283 -15.21 13.48 33.01
N GLY A 284 -15.50 12.30 32.50
CA GLY A 284 -16.79 11.66 32.75
C GLY A 284 -17.96 12.39 32.13
N CYS A 285 -17.81 12.86 30.89
CA CYS A 285 -18.87 13.63 30.26
C CYS A 285 -20.13 12.82 29.99
N LEU A 286 -20.05 11.48 30.00
CA LEU A 286 -21.25 10.69 29.79
C LEU A 286 -22.12 10.64 31.03
N THR A 287 -21.59 11.08 32.16
CA THR A 287 -22.25 10.99 33.46
C THR A 287 -22.26 12.29 34.26
N ASP A 288 -21.61 13.38 33.78
CA ASP A 288 -21.48 14.61 34.56
C ASP A 288 -22.80 15.36 34.70
N HIS A 289 -23.82 15.03 33.91
CA HIS A 289 -25.16 15.55 34.05
C HIS A 289 -26.10 14.41 34.43
N GLU A 290 -27.40 14.70 34.51
CA GLU A 290 -28.35 13.64 34.79
C GLU A 290 -29.60 13.81 33.95
N VAL A 291 -30.29 12.68 33.76
CA VAL A 291 -31.40 12.56 32.83
C VAL A 291 -32.60 11.96 33.54
N GLY A 292 -33.80 12.37 33.11
CA GLY A 292 -35.01 11.85 33.68
C GLY A 292 -35.42 10.52 33.07
N GLU A 293 -36.39 9.87 33.70
CA GLU A 293 -36.98 8.65 33.16
C GLU A 293 -37.73 8.93 31.85
N ASP A 294 -38.29 10.13 31.68
CA ASP A 294 -39.02 10.47 30.46
C ASP A 294 -38.11 10.61 29.23
N GLU A 295 -36.78 10.57 29.41
CA GLU A 295 -35.85 10.77 28.29
C GLU A 295 -34.72 9.74 28.25
N GLU A 296 -34.75 8.71 29.08
CA GLU A 296 -33.73 7.67 29.09
C GLU A 296 -34.34 6.34 28.60
N ALA A 297 -33.56 5.54 27.87
CA ALA A 297 -34.14 4.47 27.05
C ALA A 297 -34.58 3.26 27.90
N SER A 298 -33.85 2.93 28.96
CA SER A 298 -34.22 1.74 29.73
C SER A 298 -35.50 1.97 30.52
N SER A 299 -35.77 3.21 30.93
CA SER A 299 -37.06 3.48 31.56
C SER A 299 -38.17 3.52 30.52
N LEU A 300 -37.87 4.01 29.32
CA LEU A 300 -38.91 4.19 28.32
C LEU A 300 -39.32 2.86 27.70
N TYR A 301 -38.44 1.87 27.70
CA TYR A 301 -38.68 0.57 27.09
C TYR A 301 -38.16 -0.48 28.05
N PRO A 302 -38.87 -0.68 29.18
CA PRO A 302 -38.42 -1.68 30.17
C PRO A 302 -38.53 -3.10 29.67
N ASP A 303 -39.33 -3.33 28.63
CA ASP A 303 -39.44 -4.67 28.05
C ASP A 303 -38.11 -5.15 27.47
N VAL A 304 -37.14 -4.27 27.26
CA VAL A 304 -35.86 -4.65 26.66
C VAL A 304 -34.92 -5.09 27.78
N LYS A 305 -34.54 -6.37 27.75
CA LYS A 305 -33.66 -6.94 28.78
C LYS A 305 -32.22 -6.72 28.37
N TYR A 306 -31.67 -5.58 28.79
CA TYR A 306 -30.38 -5.16 28.25
C TYR A 306 -29.27 -6.01 28.84
N LYS A 307 -28.33 -6.42 27.99
CA LYS A 307 -27.19 -7.22 28.43
C LYS A 307 -26.32 -6.38 29.37
N ARG A 308 -26.26 -6.83 30.63
CA ARG A 308 -25.34 -6.29 31.61
C ARG A 308 -23.90 -6.61 31.19
N MET A 309 -22.94 -5.87 31.75
CA MET A 309 -21.58 -6.04 31.28
C MET A 309 -20.91 -7.30 31.82
N ASP A 310 -21.36 -7.85 32.95
CA ASP A 310 -20.88 -9.18 33.32
C ASP A 310 -21.24 -10.22 32.24
N ASP A 311 -22.42 -10.11 31.62
CA ASP A 311 -22.77 -11.08 30.59
C ASP A 311 -22.00 -10.84 29.31
N TYR A 312 -21.84 -9.57 28.91
CA TYR A 312 -21.01 -9.25 27.74
C TYR A 312 -19.64 -9.90 27.88
N LEU A 313 -19.02 -9.72 29.05
CA LEU A 313 -17.66 -10.22 29.19
C LEU A 313 -17.61 -11.74 29.16
N ARG A 314 -18.67 -12.42 29.64
CA ARG A 314 -18.66 -13.89 29.63
C ARG A 314 -18.38 -14.44 28.25
N MET A 315 -18.71 -13.68 27.20
CA MET A 315 -18.53 -14.17 25.84
C MET A 315 -17.07 -14.42 25.49
N PHE A 316 -16.12 -13.93 26.29
CA PHE A 316 -14.70 -13.99 25.98
C PHE A 316 -13.93 -15.05 26.77
N LEU A 317 -14.55 -15.69 27.77
CA LEU A 317 -13.90 -16.70 28.60
C LEU A 317 -13.53 -17.94 27.77
N LYS B 9 -16.60 -37.35 16.56
CA LYS B 9 -15.45 -37.34 17.45
C LYS B 9 -14.15 -37.00 16.70
N THR B 10 -14.26 -36.53 15.46
CA THR B 10 -13.07 -36.11 14.72
C THR B 10 -12.66 -34.70 15.15
N ARG B 11 -11.40 -34.52 15.49
CA ARG B 11 -10.89 -33.19 15.83
C ARG B 11 -10.35 -32.49 14.58
N VAL B 12 -10.78 -31.25 14.36
CA VAL B 12 -10.31 -30.46 13.22
C VAL B 12 -9.85 -29.07 13.70
N LEU B 13 -8.64 -28.67 13.27
CA LEU B 13 -8.18 -27.29 13.40
C LEU B 13 -8.41 -26.61 12.07
N VAL B 14 -8.98 -25.41 12.09
CA VAL B 14 -9.13 -24.63 10.87
C VAL B 14 -8.24 -23.39 10.97
N VAL B 15 -7.32 -23.27 10.04
CA VAL B 15 -6.40 -22.15 9.95
C VAL B 15 -6.87 -21.25 8.82
N GLY B 16 -7.01 -19.96 9.12
CA GLY B 16 -7.56 -19.02 8.16
C GLY B 16 -9.06 -18.85 8.26
N ALA B 17 -9.62 -18.99 9.46
CA ALA B 17 -11.08 -18.92 9.62
C ALA B 17 -11.65 -17.55 9.24
N THR B 18 -10.86 -16.48 9.31
CA THR B 18 -11.36 -15.15 8.96
C THR B 18 -11.62 -14.98 7.48
N GLY B 19 -11.16 -15.94 6.64
CA GLY B 19 -11.26 -15.82 5.19
C GLY B 19 -12.62 -16.20 4.67
N TYR B 20 -12.80 -16.04 3.36
CA TYR B 20 -14.13 -16.17 2.80
C TYR B 20 -14.64 -17.62 2.87
N ILE B 21 -13.87 -18.56 2.31
CA ILE B 21 -14.24 -19.96 2.48
C ILE B 21 -13.89 -20.40 3.89
N GLY B 22 -12.89 -19.77 4.51
CA GLY B 22 -12.57 -20.09 5.89
C GLY B 22 -13.78 -20.05 6.81
N LYS B 23 -14.57 -18.97 6.76
CA LYS B 23 -15.74 -18.83 7.62
C LYS B 23 -16.60 -20.09 7.58
N ARG B 24 -16.97 -20.51 6.37
CA ARG B 24 -17.98 -21.55 6.26
C ARG B 24 -17.44 -22.91 6.67
N ILE B 25 -16.21 -23.23 6.26
CA ILE B 25 -15.58 -24.48 6.67
C ILE B 25 -15.67 -24.66 8.17
N VAL B 26 -15.36 -23.61 8.94
CA VAL B 26 -15.58 -23.63 10.38
C VAL B 26 -17.03 -23.99 10.71
N ARG B 27 -17.98 -23.35 10.01
CA ARG B 27 -19.40 -23.54 10.28
C ARG B 27 -19.92 -24.87 9.75
N ALA B 28 -19.31 -25.40 8.69
CA ALA B 28 -19.75 -26.67 8.14
C ALA B 28 -19.24 -27.85 8.96
N CYS B 29 -17.99 -27.76 9.44
CA CYS B 29 -17.48 -28.72 10.43
C CYS B 29 -18.41 -28.82 11.63
N LEU B 30 -18.76 -27.67 12.22
CA LEU B 30 -19.59 -27.73 13.42
C LEU B 30 -20.95 -28.35 13.13
N ALA B 31 -21.53 -28.07 11.96
CA ALA B 31 -22.83 -28.64 11.59
C ALA B 31 -22.75 -30.14 11.26
N GLU B 32 -21.57 -30.64 10.88
CA GLU B 32 -21.43 -32.05 10.58
C GLU B 32 -21.15 -32.86 11.85
N GLY B 33 -20.46 -32.26 12.81
CA GLY B 33 -20.33 -32.88 14.12
C GLY B 33 -18.93 -33.13 14.59
N HIS B 34 -17.96 -32.37 14.07
CA HIS B 34 -16.57 -32.47 14.50
C HIS B 34 -16.25 -31.45 15.57
N GLU B 35 -15.26 -31.76 16.40
CA GLU B 35 -14.78 -30.82 17.40
C GLU B 35 -13.85 -29.83 16.68
N THR B 36 -14.35 -28.63 16.45
CA THR B 36 -13.75 -27.69 15.50
C THR B 36 -12.91 -26.64 16.24
N TYR B 37 -11.59 -26.77 16.12
CA TYR B 37 -10.66 -25.81 16.70
C TYR B 37 -10.30 -24.76 15.66
N VAL B 38 -10.20 -23.52 16.11
CA VAL B 38 -9.98 -22.42 15.18
C VAL B 38 -8.76 -21.64 15.64
N LEU B 39 -7.75 -21.56 14.78
CA LEU B 39 -6.55 -20.80 15.10
C LEU B 39 -6.88 -19.31 15.10
N GLN B 40 -6.54 -18.64 16.20
CA GLN B 40 -6.70 -17.20 16.37
C GLN B 40 -5.32 -16.57 16.53
N ARG B 41 -4.85 -15.85 15.53
CA ARG B 41 -3.51 -15.24 15.59
C ARG B 41 -3.63 -13.79 16.03
N PRO B 42 -2.54 -13.19 16.55
CA PRO B 42 -2.62 -11.78 17.01
C PRO B 42 -3.32 -10.81 16.08
N GLU B 43 -3.25 -11.01 14.76
CA GLU B 43 -3.82 -10.08 13.81
C GLU B 43 -5.28 -9.71 14.11
N ILE B 44 -6.04 -10.54 14.84
CA ILE B 44 -7.50 -10.41 14.83
C ILE B 44 -8.07 -9.61 16.01
N GLY B 45 -7.28 -9.33 17.06
CA GLY B 45 -7.75 -8.54 18.20
C GLY B 45 -7.83 -7.07 17.87
N LEU B 46 -8.16 -6.83 16.61
CA LEU B 46 -8.22 -5.58 15.89
C LEU B 46 -9.35 -5.81 14.89
N GLU B 47 -9.80 -4.78 14.17
CA GLU B 47 -10.91 -5.02 13.24
C GLU B 47 -12.11 -5.77 13.85
N ILE B 48 -13.11 -5.06 14.38
CA ILE B 48 -14.23 -5.71 15.09
C ILE B 48 -14.79 -6.93 14.39
N GLU B 49 -14.94 -6.86 13.07
CA GLU B 49 -15.65 -7.90 12.35
C GLU B 49 -14.93 -9.24 12.38
N LYS B 50 -13.66 -9.25 12.76
CA LYS B 50 -12.94 -10.49 13.00
C LYS B 50 -13.11 -10.99 14.43
N VAL B 51 -13.16 -10.11 15.44
CA VAL B 51 -13.41 -10.61 16.78
C VAL B 51 -14.84 -11.11 16.89
N GLN B 52 -15.75 -10.45 16.20
CA GLN B 52 -17.15 -10.75 16.31
C GLN B 52 -17.57 -11.90 15.40
N LEU B 53 -16.80 -12.16 14.34
CA LEU B 53 -16.83 -13.48 13.73
C LEU B 53 -16.45 -14.55 14.75
N PHE B 54 -15.24 -14.42 15.33
CA PHE B 54 -14.69 -15.47 16.18
C PHE B 54 -15.56 -15.74 17.40
N LEU B 55 -16.17 -14.73 18.00
CA LEU B 55 -16.98 -15.11 19.14
C LEU B 55 -18.32 -15.73 18.70
N SER B 56 -18.74 -15.50 17.44
CA SER B 56 -19.91 -16.21 16.95
C SER B 56 -19.57 -17.65 16.53
N PHE B 57 -18.28 -17.98 16.38
CA PHE B 57 -17.87 -19.38 16.42
C PHE B 57 -18.06 -19.96 17.81
N LYS B 58 -17.66 -19.20 18.84
CA LYS B 58 -17.79 -19.68 20.22
C LYS B 58 -19.24 -20.01 20.54
N LYS B 59 -20.17 -19.11 20.18
CA LYS B 59 -21.58 -19.33 20.41
C LYS B 59 -22.09 -20.60 19.70
N LEU B 60 -21.41 -21.02 18.61
CA LEU B 60 -21.76 -22.24 17.89
C LEU B 60 -20.95 -23.45 18.35
N GLY B 61 -20.08 -23.30 19.35
CA GLY B 61 -19.41 -24.44 19.96
C GLY B 61 -17.96 -24.66 19.55
N ALA B 62 -17.39 -23.81 18.68
CA ALA B 62 -15.98 -23.91 18.33
C ALA B 62 -15.12 -23.60 19.56
N ARG B 63 -13.90 -24.16 19.56
CA ARG B 63 -12.94 -23.88 20.62
C ARG B 63 -11.80 -23.02 20.08
N ILE B 64 -11.51 -21.92 20.76
CA ILE B 64 -10.53 -20.98 20.26
C ILE B 64 -9.12 -21.46 20.65
N VAL B 65 -8.20 -21.38 19.68
CA VAL B 65 -6.80 -21.77 19.85
C VAL B 65 -5.92 -20.59 19.44
N GLU B 66 -5.00 -20.19 20.32
CA GLU B 66 -4.13 -19.06 20.04
C GLU B 66 -2.78 -19.53 19.47
N GLY B 67 -2.23 -18.74 18.55
CA GLY B 67 -0.94 -19.04 17.97
C GLY B 67 -0.54 -18.01 16.93
N SER B 68 0.73 -18.10 16.49
CA SER B 68 1.32 -17.20 15.51
C SER B 68 2.15 -18.00 14.52
N PHE B 69 2.06 -17.62 13.24
CA PHE B 69 2.98 -18.20 12.27
C PHE B 69 4.43 -17.84 12.60
N SER B 70 4.66 -16.68 13.21
CA SER B 70 5.99 -16.25 13.58
C SER B 70 6.49 -16.92 14.86
N ASP B 71 5.67 -17.72 15.51
CA ASP B 71 6.04 -18.49 16.69
C ASP B 71 5.80 -19.95 16.31
N HIS B 72 6.85 -20.65 15.87
CA HIS B 72 6.66 -21.99 15.32
C HIS B 72 6.10 -22.95 16.37
N GLN B 73 6.46 -22.78 17.63
CA GLN B 73 5.93 -23.67 18.68
C GLN B 73 4.43 -23.49 18.87
N SER B 74 3.92 -22.25 18.81
CA SER B 74 2.50 -22.06 19.06
C SER B 74 1.66 -22.79 18.01
N LEU B 75 2.16 -22.87 16.77
CA LEU B 75 1.47 -23.66 15.77
C LEU B 75 1.67 -25.16 16.03
N VAL B 76 2.87 -25.54 16.47
CA VAL B 76 3.13 -26.90 16.98
C VAL B 76 2.06 -27.31 17.98
N SER B 77 1.79 -26.45 18.97
CA SER B 77 0.83 -26.75 20.02
C SER B 77 -0.55 -26.98 19.45
N ALA B 78 -1.06 -25.98 18.72
CA ALA B 78 -2.38 -26.09 18.08
C ALA B 78 -2.51 -27.37 17.29
N VAL B 79 -1.52 -27.66 16.45
CA VAL B 79 -1.58 -28.80 15.55
C VAL B 79 -1.57 -30.12 16.31
N LYS B 80 -1.13 -30.11 17.58
CA LYS B 80 -1.19 -31.31 18.42
C LYS B 80 -2.57 -31.55 19.01
N LEU B 81 -3.44 -30.54 19.05
CA LEU B 81 -4.75 -30.72 19.66
C LEU B 81 -5.72 -31.44 18.74
N VAL B 82 -5.26 -31.84 17.56
CA VAL B 82 -6.16 -32.10 16.45
C VAL B 82 -5.68 -33.32 15.65
N ASP B 83 -6.63 -33.96 14.95
CA ASP B 83 -6.31 -35.01 14.00
C ASP B 83 -6.17 -34.52 12.56
N VAL B 84 -6.86 -33.43 12.20
CA VAL B 84 -6.77 -32.87 10.85
C VAL B 84 -6.71 -31.35 10.91
N VAL B 85 -5.77 -30.76 10.18
CA VAL B 85 -5.70 -29.31 10.04
C VAL B 85 -6.16 -28.95 8.64
N VAL B 86 -7.14 -28.04 8.56
CA VAL B 86 -7.59 -27.47 7.30
C VAL B 86 -7.06 -26.04 7.22
N SER B 87 -6.53 -25.68 6.05
CA SER B 87 -6.03 -24.34 5.76
C SER B 87 -6.87 -23.73 4.64
N ALA B 88 -7.17 -22.42 4.76
CA ALA B 88 -8.05 -21.77 3.76
C ALA B 88 -7.71 -20.27 3.70
N MET B 89 -6.60 -19.96 3.03
CA MET B 89 -6.02 -18.62 3.01
C MET B 89 -6.40 -17.87 1.74
N SER B 90 -7.28 -16.88 1.90
CA SER B 90 -7.76 -16.08 0.78
C SER B 90 -7.07 -14.72 0.73
N SER B 96 0.93 -10.54 -2.26
CA SER B 96 0.29 -11.32 -1.21
C SER B 96 1.31 -12.21 -0.47
N HIS B 97 0.89 -12.82 0.64
CA HIS B 97 1.71 -13.77 1.39
C HIS B 97 0.98 -15.07 1.75
N ASN B 98 -0.34 -15.12 1.56
CA ASN B 98 -1.19 -16.07 2.27
C ASN B 98 -0.97 -17.53 1.87
N ILE B 99 -0.35 -17.81 0.72
CA ILE B 99 -0.31 -19.20 0.26
C ILE B 99 0.89 -19.95 0.81
N LEU B 100 2.05 -19.30 0.94
CA LEU B 100 3.28 -19.97 1.34
C LEU B 100 3.58 -19.85 2.82
N VAL B 101 2.85 -19.00 3.54
CA VAL B 101 2.86 -19.08 5.00
C VAL B 101 2.33 -20.44 5.43
N GLN B 102 1.59 -21.13 4.55
CA GLN B 102 1.22 -22.52 4.81
C GLN B 102 2.45 -23.37 5.08
N LEU B 103 3.56 -23.10 4.36
CA LEU B 103 4.78 -23.88 4.52
C LEU B 103 5.25 -23.92 5.98
N LYS B 104 5.19 -22.80 6.68
CA LYS B 104 5.60 -22.83 8.07
C LYS B 104 4.52 -23.42 8.98
N LEU B 105 3.33 -23.68 8.45
CA LEU B 105 2.45 -24.61 9.15
C LEU B 105 2.84 -26.05 8.85
N VAL B 106 3.19 -26.37 7.59
CA VAL B 106 3.46 -27.76 7.27
C VAL B 106 4.67 -28.28 8.06
N GLU B 107 5.61 -27.39 8.42
CA GLU B 107 6.68 -27.83 9.32
C GLU B 107 6.17 -28.01 10.74
N ALA B 108 5.27 -27.14 11.20
CA ALA B 108 4.64 -27.37 12.50
C ALA B 108 3.81 -28.65 12.52
N ILE B 109 3.32 -29.10 11.38
CA ILE B 109 2.59 -30.37 11.32
C ILE B 109 3.54 -31.55 11.14
N LYS B 110 4.68 -31.35 10.47
CA LYS B 110 5.66 -32.42 10.30
C LYS B 110 6.33 -32.74 11.63
N GLU B 111 6.98 -31.74 12.25
CA GLU B 111 7.51 -31.91 13.59
C GLU B 111 6.47 -32.43 14.58
N ALA B 112 5.17 -32.28 14.25
CA ALA B 112 4.09 -32.76 15.11
C ALA B 112 3.95 -34.28 15.04
N GLY B 113 3.71 -34.80 13.83
CA GLY B 113 3.53 -36.21 13.62
C GLY B 113 2.16 -36.76 13.96
N ASN B 114 1.35 -36.01 14.70
CA ASN B 114 0.07 -36.52 15.19
C ASN B 114 -1.08 -36.29 14.23
N VAL B 115 -0.84 -35.69 13.06
CA VAL B 115 -1.92 -35.22 12.20
C VAL B 115 -2.16 -36.22 11.09
N LYS B 116 -3.38 -36.78 11.03
CA LYS B 116 -3.72 -37.80 10.07
C LYS B 116 -4.12 -37.25 8.71
N ARG B 117 -4.47 -35.98 8.61
CA ARG B 117 -4.75 -35.42 7.30
C ARG B 117 -4.49 -33.92 7.33
N PHE B 118 -4.03 -33.39 6.20
CA PHE B 118 -3.88 -31.96 6.01
C PHE B 118 -4.59 -31.58 4.72
N LEU B 119 -5.19 -30.40 4.71
CA LEU B 119 -5.87 -29.89 3.53
C LEU B 119 -5.35 -28.49 3.32
N PRO B 120 -4.47 -28.27 2.35
CA PRO B 120 -3.98 -26.92 2.07
C PRO B 120 -5.02 -26.08 1.35
N SER B 121 -4.76 -24.77 1.34
CA SER B 121 -5.73 -23.85 0.76
C SER B 121 -5.68 -23.94 -0.76
N GLU B 122 -6.53 -24.80 -1.32
CA GLU B 122 -6.80 -24.78 -2.74
C GLU B 122 -8.27 -25.08 -2.90
N PHE B 123 -9.06 -24.12 -3.27
CA PHE B 123 -10.43 -24.49 -3.57
C PHE B 123 -10.77 -23.89 -4.92
N GLY B 124 -9.72 -23.66 -5.69
CA GLY B 124 -9.79 -23.10 -7.02
C GLY B 124 -9.48 -24.14 -8.06
N MET B 125 -8.68 -23.81 -9.05
CA MET B 125 -8.44 -24.73 -10.15
C MET B 125 -7.27 -25.64 -9.85
N ASP B 126 -7.33 -26.85 -10.41
CA ASP B 126 -6.32 -27.87 -10.17
C ASP B 126 -4.97 -27.40 -10.69
N PRO B 127 -4.00 -27.17 -9.82
CA PRO B 127 -2.78 -26.43 -10.21
C PRO B 127 -1.87 -27.19 -11.17
N PRO B 128 -1.73 -28.53 -11.08
CA PRO B 128 -0.81 -29.20 -12.01
C PRO B 128 -1.33 -29.32 -13.43
N ARG B 129 -2.54 -28.84 -13.67
CA ARG B 129 -3.05 -28.66 -15.00
C ARG B 129 -2.74 -27.31 -15.58
N MET B 130 -2.27 -26.39 -14.74
CA MET B 130 -1.91 -25.05 -15.15
C MET B 130 -0.44 -25.00 -15.52
N GLY B 131 -0.08 -25.82 -16.50
CA GLY B 131 1.21 -25.68 -17.09
C GLY B 131 1.28 -24.66 -18.20
N HIS B 132 0.20 -23.91 -18.43
CA HIS B 132 0.01 -23.19 -19.69
C HIS B 132 -0.25 -21.70 -19.52
N ALA B 133 -0.87 -21.28 -18.42
CA ALA B 133 -1.00 -19.87 -18.09
C ALA B 133 0.38 -19.23 -18.06
N LEU B 134 0.46 -17.91 -18.14
CA LEU B 134 1.75 -17.26 -18.01
C LEU B 134 1.60 -16.07 -17.07
N PRO B 135 2.73 -15.57 -16.48
CA PRO B 135 2.68 -14.52 -15.46
C PRO B 135 1.84 -13.30 -15.83
N PRO B 136 1.22 -12.67 -14.81
CA PRO B 136 1.34 -13.06 -13.39
C PRO B 136 0.29 -14.05 -12.85
N GLY B 137 -0.65 -14.48 -13.69
CA GLY B 137 -1.66 -15.43 -13.24
C GLY B 137 -1.07 -16.74 -12.72
N ARG B 138 0.11 -17.11 -13.23
CA ARG B 138 0.69 -18.40 -12.93
C ARG B 138 1.07 -18.55 -11.45
N GLU B 139 1.51 -17.46 -10.83
CA GLU B 139 2.26 -17.57 -9.59
C GLU B 139 1.48 -18.31 -8.49
N THR B 140 0.18 -18.03 -8.32
CA THR B 140 -0.53 -18.71 -7.24
C THR B 140 -0.60 -20.21 -7.47
N PHE B 141 -0.53 -20.67 -8.74
CA PHE B 141 -0.42 -22.10 -8.99
C PHE B 141 0.95 -22.64 -8.59
N ASP B 142 2.01 -21.89 -8.88
CA ASP B 142 3.33 -22.26 -8.39
C ASP B 142 3.36 -22.40 -6.89
N GLN B 143 2.84 -21.39 -6.21
CA GLN B 143 2.86 -21.38 -4.76
C GLN B 143 2.00 -22.50 -4.20
N LYS B 144 0.85 -22.75 -4.83
CA LYS B 144 0.00 -23.86 -4.40
C LYS B 144 0.71 -25.19 -4.53
N MET B 145 1.45 -25.41 -5.63
CA MET B 145 2.10 -26.71 -5.65
C MET B 145 3.42 -26.70 -4.91
N GLU B 146 4.06 -25.54 -4.80
CA GLU B 146 5.19 -25.45 -3.89
C GLU B 146 4.82 -25.92 -2.48
N VAL B 147 3.60 -25.60 -2.02
CA VAL B 147 3.17 -26.11 -0.71
C VAL B 147 2.71 -27.57 -0.80
N ARG B 148 2.29 -28.05 -1.98
CA ARG B 148 2.00 -29.48 -2.11
C ARG B 148 3.29 -30.30 -2.15
N GLN B 149 4.26 -29.90 -2.99
CA GLN B 149 5.56 -30.57 -2.99
C GLN B 149 6.16 -30.61 -1.59
N ALA B 150 5.92 -29.58 -0.76
CA ALA B 150 6.37 -29.60 0.62
C ALA B 150 5.54 -30.53 1.51
N ILE B 151 4.26 -30.77 1.16
CA ILE B 151 3.41 -31.70 1.91
C ILE B 151 3.78 -33.15 1.59
N GLU B 152 3.78 -33.50 0.29
CA GLU B 152 4.17 -34.84 -0.14
C GLU B 152 5.60 -35.17 0.26
N ALA B 153 6.45 -34.14 0.41
CA ALA B 153 7.84 -34.35 0.84
C ALA B 153 7.90 -34.73 2.31
N ALA B 154 7.14 -34.05 3.17
CA ALA B 154 7.08 -34.46 4.57
C ALA B 154 6.27 -35.72 4.76
N GLY B 155 5.66 -36.26 3.69
CA GLY B 155 4.82 -37.43 3.80
C GLY B 155 3.52 -37.22 4.55
N ILE B 156 3.23 -36.00 4.98
CA ILE B 156 1.98 -35.68 5.68
C ILE B 156 0.82 -36.04 4.75
N PRO B 157 -0.11 -36.89 5.20
CA PRO B 157 -1.22 -37.29 4.34
C PRO B 157 -2.17 -36.13 4.09
N TYR B 158 -2.79 -36.13 2.91
CA TYR B 158 -3.39 -34.91 2.39
C TYR B 158 -4.78 -35.16 1.82
N THR B 159 -5.40 -34.06 1.38
CA THR B 159 -6.54 -34.06 0.47
C THR B 159 -6.61 -32.67 -0.15
N TYR B 160 -6.53 -32.61 -1.47
CA TYR B 160 -6.67 -31.36 -2.22
C TYR B 160 -8.05 -31.32 -2.86
N VAL B 161 -8.70 -30.14 -2.77
CA VAL B 161 -10.14 -30.01 -2.99
C VAL B 161 -10.33 -28.96 -4.07
N VAL B 162 -10.47 -29.36 -5.33
CA VAL B 162 -10.39 -28.38 -6.39
C VAL B 162 -11.59 -28.49 -7.32
N GLY B 163 -11.67 -27.51 -8.20
CA GLY B 163 -12.42 -27.62 -9.42
C GLY B 163 -13.73 -26.90 -9.51
N ALA B 164 -13.98 -25.90 -8.66
CA ALA B 164 -15.24 -25.16 -8.71
C ALA B 164 -15.05 -23.65 -8.58
N CYS B 165 -15.73 -22.90 -9.45
CA CYS B 165 -15.92 -21.47 -9.26
C CYS B 165 -16.87 -21.21 -8.10
N PHE B 166 -16.48 -20.31 -7.20
CA PHE B 166 -17.41 -19.87 -6.17
C PHE B 166 -18.60 -19.16 -6.82
N ALA B 167 -19.81 -19.54 -6.43
CA ALA B 167 -20.99 -18.95 -7.06
C ALA B 167 -21.06 -17.43 -6.83
N ALA B 168 -20.54 -16.94 -5.71
CA ALA B 168 -20.61 -15.50 -5.44
C ALA B 168 -19.76 -14.70 -6.40
N TYR B 169 -18.57 -15.23 -6.78
CA TYR B 169 -17.66 -14.50 -7.65
C TYR B 169 -17.96 -14.67 -9.14
N PHE B 170 -18.57 -15.76 -9.56
CA PHE B 170 -18.76 -15.99 -10.99
C PHE B 170 -20.21 -16.14 -11.43
N ALA B 171 -21.11 -16.54 -10.54
CA ALA B 171 -22.52 -16.72 -10.90
C ALA B 171 -23.34 -15.44 -10.73
N GLY B 172 -23.39 -14.88 -9.52
CA GLY B 172 -24.37 -13.85 -9.16
C GLY B 172 -24.20 -12.52 -9.86
N ASN B 173 -23.01 -12.29 -10.42
CA ASN B 173 -22.67 -11.17 -11.27
C ASN B 173 -22.87 -11.49 -12.74
N LEU B 174 -23.34 -12.71 -13.05
CA LEU B 174 -23.48 -13.22 -14.42
C LEU B 174 -22.14 -13.31 -15.13
N SER B 175 -21.07 -13.56 -14.36
CA SER B 175 -19.70 -13.71 -14.84
C SER B 175 -19.10 -12.41 -15.38
N GLN B 176 -19.79 -11.29 -15.20
CA GLN B 176 -19.11 -10.02 -15.32
C GLN B 176 -18.03 -9.88 -14.26
N MET B 177 -16.83 -9.45 -14.68
CA MET B 177 -15.88 -8.85 -13.75
C MET B 177 -16.48 -7.54 -13.27
N VAL B 178 -15.69 -6.70 -12.65
CA VAL B 178 -16.08 -5.32 -12.33
C VAL B 178 -17.37 -5.21 -11.48
N THR B 179 -18.12 -6.29 -11.25
CA THR B 179 -19.18 -6.26 -10.24
C THR B 179 -19.47 -7.67 -9.70
N LEU B 180 -20.25 -7.70 -8.60
CA LEU B 180 -20.73 -8.95 -7.97
C LEU B 180 -22.26 -9.01 -7.89
N LEU B 181 -22.98 -8.14 -8.61
CA LEU B 181 -24.42 -8.15 -8.70
C LEU B 181 -24.86 -8.34 -10.15
N PRO B 182 -26.09 -8.84 -10.37
CA PRO B 182 -26.59 -9.02 -11.74
C PRO B 182 -26.58 -7.70 -12.49
N PRO B 183 -26.21 -7.73 -13.78
CA PRO B 183 -26.32 -6.52 -14.60
C PRO B 183 -27.76 -6.12 -14.89
N LYS B 184 -28.00 -4.81 -14.90
CA LYS B 184 -29.35 -4.29 -15.06
C LYS B 184 -29.82 -4.26 -16.52
N GLU B 185 -28.91 -4.12 -17.49
CA GLU B 185 -29.37 -4.05 -18.88
C GLU B 185 -28.48 -4.79 -19.88
N LYS B 186 -27.16 -4.66 -19.79
CA LYS B 186 -26.26 -5.29 -20.76
C LYS B 186 -25.39 -6.33 -20.09
N VAL B 187 -24.92 -7.30 -20.89
CA VAL B 187 -23.98 -8.31 -20.42
C VAL B 187 -22.93 -8.53 -21.52
N ASN B 188 -21.78 -9.04 -21.11
CA ASN B 188 -20.69 -9.41 -22.01
C ASN B 188 -20.60 -10.94 -22.08
N ILE B 189 -20.82 -11.50 -23.26
CA ILE B 189 -20.68 -12.95 -23.44
C ILE B 189 -19.26 -13.24 -23.90
N TYR B 190 -18.58 -14.12 -23.17
CA TYR B 190 -17.20 -14.46 -23.49
C TYR B 190 -17.20 -15.57 -24.53
N GLY B 191 -16.60 -15.30 -25.69
CA GLY B 191 -16.72 -16.20 -26.82
C GLY B 191 -18.12 -16.12 -27.41
N ASP B 192 -18.53 -17.19 -28.09
CA ASP B 192 -19.95 -17.35 -28.37
C ASP B 192 -20.67 -17.70 -27.08
N GLY B 193 -19.88 -17.79 -26.02
CA GLY B 193 -20.34 -18.12 -24.70
C GLY B 193 -20.88 -19.51 -24.62
N ASN B 194 -20.27 -20.48 -25.30
CA ASN B 194 -20.68 -21.87 -25.24
C ASN B 194 -19.68 -22.75 -24.50
N VAL B 195 -18.69 -22.15 -23.82
CA VAL B 195 -17.77 -22.89 -22.96
C VAL B 195 -18.40 -22.99 -21.57
N LYS B 196 -18.67 -24.23 -21.13
CA LYS B 196 -19.42 -24.59 -19.93
C LYS B 196 -18.42 -24.87 -18.77
N VAL B 197 -18.62 -24.22 -17.60
CA VAL B 197 -17.73 -24.37 -16.42
C VAL B 197 -18.54 -24.74 -15.19
N VAL B 198 -17.85 -24.99 -14.07
CA VAL B 198 -18.53 -25.44 -12.86
C VAL B 198 -18.83 -24.25 -11.93
N PHE B 199 -20.02 -24.20 -11.38
CA PHE B 199 -20.42 -23.20 -10.40
C PHE B 199 -20.84 -23.92 -9.13
N ALA B 200 -20.20 -23.61 -8.00
CA ALA B 200 -20.59 -24.21 -6.73
C ALA B 200 -20.95 -23.11 -5.73
N ASP B 201 -22.11 -23.26 -5.09
CA ASP B 201 -22.39 -22.43 -3.93
C ASP B 201 -21.32 -22.67 -2.88
N GLU B 202 -20.75 -21.59 -2.34
CA GLU B 202 -19.60 -21.72 -1.44
C GLU B 202 -19.95 -22.48 -0.18
N ASP B 203 -21.17 -22.29 0.33
CA ASP B 203 -21.70 -23.17 1.35
C ASP B 203 -21.54 -24.65 0.96
N ASP B 204 -21.85 -24.99 -0.30
CA ASP B 204 -21.71 -26.38 -0.72
C ASP B 204 -20.22 -26.82 -0.72
N ILE B 205 -19.29 -25.96 -1.18
CA ILE B 205 -17.86 -26.28 -1.11
C ILE B 205 -17.41 -26.52 0.33
N ALA B 206 -17.99 -25.77 1.27
CA ALA B 206 -17.62 -25.94 2.67
C ALA B 206 -18.16 -27.25 3.26
N LYS B 207 -19.41 -27.61 2.96
CA LYS B 207 -19.92 -28.83 3.60
C LYS B 207 -19.31 -30.08 2.98
N TYR B 208 -18.95 -30.02 1.69
CA TYR B 208 -18.21 -31.11 1.07
C TYR B 208 -16.90 -31.35 1.81
N THR B 209 -16.12 -30.28 2.02
CA THR B 209 -14.85 -30.37 2.73
C THR B 209 -15.00 -30.92 4.14
N ALA B 210 -16.12 -30.62 4.79
CA ALA B 210 -16.35 -31.08 6.16
C ALA B 210 -16.62 -32.58 6.18
N LYS B 211 -17.24 -33.10 5.12
CA LYS B 211 -17.50 -34.53 5.06
C LYS B 211 -16.33 -35.34 4.49
N THR B 212 -15.57 -34.84 3.52
CA THR B 212 -14.42 -35.60 3.03
C THR B 212 -13.27 -35.60 4.03
N LEU B 213 -13.32 -34.69 4.99
CA LEU B 213 -12.32 -34.58 6.05
C LEU B 213 -12.05 -35.94 6.71
N ASN B 214 -13.11 -36.68 7.05
CA ASN B 214 -13.06 -37.85 7.91
C ASN B 214 -13.08 -39.17 7.13
N ASP B 215 -13.33 -39.12 5.82
CA ASP B 215 -13.75 -40.19 4.93
C ASP B 215 -12.53 -40.92 4.36
N PRO B 216 -12.48 -42.25 4.49
CA PRO B 216 -11.32 -42.99 3.98
C PRO B 216 -11.16 -42.94 2.46
N ARG B 217 -12.26 -42.73 1.71
CA ARG B 217 -12.21 -42.83 0.25
C ARG B 217 -11.18 -41.89 -0.36
N THR B 218 -11.03 -40.68 0.20
CA THR B 218 -10.31 -39.59 -0.45
C THR B 218 -8.91 -39.39 0.08
N LEU B 219 -8.50 -40.12 1.11
CA LEU B 219 -7.23 -39.81 1.76
C LEU B 219 -6.07 -39.96 0.77
N ASN B 220 -5.32 -38.86 0.58
CA ASN B 220 -4.20 -38.77 -0.36
C ASN B 220 -4.65 -38.77 -1.84
N LYS B 221 -5.86 -38.28 -2.13
CA LYS B 221 -6.33 -38.13 -3.51
C LYS B 221 -6.92 -36.72 -3.71
N THR B 222 -7.08 -36.33 -4.97
CA THR B 222 -7.69 -35.06 -5.32
C THR B 222 -9.19 -35.26 -5.54
N VAL B 223 -10.01 -34.53 -4.77
CA VAL B 223 -11.46 -34.61 -4.89
C VAL B 223 -11.95 -33.36 -5.61
N ASN B 224 -12.79 -33.56 -6.62
CA ASN B 224 -13.28 -32.47 -7.46
C ASN B 224 -14.69 -32.10 -7.06
N ILE B 225 -14.94 -30.80 -6.91
CA ILE B 225 -16.30 -30.29 -6.74
C ILE B 225 -16.81 -30.00 -8.14
N ARG B 226 -17.65 -30.88 -8.64
CA ARG B 226 -18.28 -30.69 -9.95
C ARG B 226 -19.73 -31.16 -9.96
N PRO B 227 -20.63 -30.37 -9.38
CA PRO B 227 -22.07 -30.66 -9.46
C PRO B 227 -22.54 -30.84 -10.89
N PRO B 228 -23.15 -32.00 -11.19
CA PRO B 228 -23.84 -32.23 -12.48
C PRO B 228 -24.69 -31.08 -13.01
N ASP B 229 -25.71 -30.66 -12.27
CA ASP B 229 -26.62 -29.63 -12.76
C ASP B 229 -26.03 -28.23 -12.71
N ASN B 230 -24.76 -28.08 -12.31
CA ASN B 230 -24.11 -26.80 -12.18
C ASN B 230 -22.94 -26.62 -13.15
N VAL B 231 -22.81 -27.52 -14.12
CA VAL B 231 -21.84 -27.34 -15.22
C VAL B 231 -22.59 -26.64 -16.34
N LEU B 232 -22.36 -25.32 -16.46
CA LEU B 232 -23.06 -24.44 -17.38
C LEU B 232 -22.04 -23.53 -18.08
N THR B 233 -22.34 -22.96 -19.27
CA THR B 233 -21.50 -21.88 -19.84
C THR B 233 -22.19 -20.56 -19.43
N GLN B 234 -21.53 -19.43 -19.71
CA GLN B 234 -22.07 -18.22 -19.22
C GLN B 234 -23.34 -17.94 -19.97
N LEU B 235 -23.55 -18.55 -21.15
CA LEU B 235 -24.71 -18.19 -21.96
C LEU B 235 -26.02 -18.67 -21.33
N GLU B 236 -26.15 -19.96 -21.03
CA GLU B 236 -27.38 -20.41 -20.37
C GLU B 236 -27.47 -19.85 -18.95
N LEU B 237 -26.34 -19.65 -18.25
CA LEU B 237 -26.42 -19.05 -16.92
C LEU B 237 -27.01 -17.66 -17.00
N VAL B 238 -26.70 -16.91 -18.05
CA VAL B 238 -27.43 -15.67 -18.35
C VAL B 238 -28.91 -15.97 -18.61
N GLN B 239 -29.18 -16.97 -19.43
CA GLN B 239 -30.58 -17.24 -19.75
C GLN B 239 -31.35 -17.70 -18.51
N ILE B 240 -30.72 -18.49 -17.62
CA ILE B 240 -31.28 -18.73 -16.28
C ILE B 240 -31.73 -17.42 -15.64
N TRP B 241 -30.83 -16.42 -15.61
CA TRP B 241 -31.17 -15.16 -14.95
C TRP B 241 -32.34 -14.49 -15.64
N GLU B 242 -32.35 -14.49 -16.97
CA GLU B 242 -33.43 -13.78 -17.62
C GLU B 242 -34.74 -14.59 -17.67
N LYS B 243 -34.68 -15.90 -17.42
CA LYS B 243 -35.91 -16.59 -17.04
C LYS B 243 -36.43 -15.90 -15.78
N LEU B 244 -35.69 -16.04 -14.68
CA LEU B 244 -36.15 -15.57 -13.38
C LEU B 244 -36.57 -14.10 -13.41
N THR B 245 -36.00 -13.32 -14.32
CA THR B 245 -36.23 -11.89 -14.34
C THR B 245 -37.31 -11.47 -15.33
N GLY B 246 -37.48 -12.18 -16.44
CA GLY B 246 -38.48 -11.85 -17.44
C GLY B 246 -38.03 -10.88 -18.51
N LYS B 247 -36.87 -10.26 -18.35
CA LYS B 247 -36.34 -9.31 -19.32
C LYS B 247 -35.21 -9.96 -20.11
N GLU B 248 -35.05 -9.56 -21.38
CA GLU B 248 -33.88 -10.00 -22.15
C GLU B 248 -32.72 -9.04 -21.94
N LEU B 249 -31.52 -9.60 -21.74
CA LEU B 249 -30.31 -8.81 -21.52
C LEU B 249 -29.57 -8.62 -22.84
N GLU B 250 -29.21 -7.37 -23.14
CA GLU B 250 -28.52 -7.04 -24.38
C GLU B 250 -27.12 -7.63 -24.36
N LYS B 251 -26.94 -8.78 -25.01
CA LYS B 251 -25.67 -9.47 -25.01
C LYS B 251 -24.73 -8.85 -26.04
N THR B 252 -23.42 -8.97 -25.77
CA THR B 252 -22.37 -8.48 -26.66
C THR B 252 -21.21 -9.45 -26.58
N ASN B 253 -21.02 -10.25 -27.64
CA ASN B 253 -19.97 -11.25 -27.62
C ASN B 253 -18.61 -10.57 -27.71
N ILE B 254 -17.64 -11.15 -27.01
CA ILE B 254 -16.29 -10.58 -26.89
C ILE B 254 -15.31 -11.67 -27.29
N ALA B 255 -14.64 -11.46 -28.43
CA ALA B 255 -13.77 -12.48 -29.02
C ALA B 255 -12.47 -12.62 -28.24
N ALA B 256 -11.97 -13.87 -28.16
CA ALA B 256 -10.81 -14.19 -27.35
C ALA B 256 -9.65 -13.21 -27.52
N GLN B 257 -9.29 -12.86 -28.75
CA GLN B 257 -8.15 -11.95 -28.91
C GLN B 257 -8.47 -10.55 -28.41
N ASP B 258 -9.70 -10.06 -28.63
CA ASP B 258 -10.07 -8.74 -28.14
C ASP B 258 -10.08 -8.68 -26.62
N PHE B 259 -10.33 -9.83 -25.98
CA PHE B 259 -10.43 -9.84 -24.53
C PHE B 259 -9.07 -9.68 -23.89
N LEU B 260 -8.04 -10.30 -24.46
CA LEU B 260 -6.69 -10.11 -23.97
C LEU B 260 -5.89 -9.08 -24.77
N ALA B 261 -6.57 -8.27 -25.61
CA ALA B 261 -5.86 -7.20 -26.30
C ALA B 261 -5.23 -6.28 -25.28
N ASN B 262 -3.93 -6.04 -25.42
CA ASN B 262 -3.20 -5.06 -24.61
C ASN B 262 -3.13 -5.46 -23.13
N ILE B 263 -3.00 -6.75 -22.83
CA ILE B 263 -3.02 -7.09 -21.40
C ILE B 263 -1.75 -6.63 -20.72
N GLU B 264 -0.62 -6.67 -21.42
CA GLU B 264 0.66 -6.37 -20.78
C GLU B 264 0.74 -4.93 -20.29
N GLN B 265 -0.20 -4.09 -20.70
CA GLN B 265 -0.24 -2.70 -20.33
C GLN B 265 -1.38 -2.37 -19.36
N MET B 266 -1.69 -3.29 -18.46
CA MET B 266 -2.72 -3.06 -17.45
C MET B 266 -2.17 -3.51 -16.11
N GLU B 267 -2.78 -3.01 -15.05
CA GLU B 267 -2.19 -3.18 -13.74
C GLU B 267 -2.11 -4.66 -13.40
N ILE B 268 -1.01 -5.03 -12.75
CA ILE B 268 -0.56 -6.43 -12.72
C ILE B 268 -1.37 -7.31 -11.78
N PRO B 269 -2.43 -6.82 -11.09
CA PRO B 269 -3.47 -7.75 -10.62
C PRO B 269 -4.64 -7.86 -11.59
N HIS B 270 -4.95 -6.79 -12.31
CA HIS B 270 -5.96 -6.89 -13.36
C HIS B 270 -5.50 -7.82 -14.48
N GLN B 271 -4.19 -7.91 -14.72
CA GLN B 271 -3.67 -8.96 -15.57
C GLN B 271 -4.06 -10.32 -15.02
N ALA B 272 -3.70 -10.58 -13.76
CA ALA B 272 -4.00 -11.86 -13.11
C ALA B 272 -5.46 -12.23 -13.24
N GLY B 273 -6.37 -11.28 -12.97
CA GLY B 273 -7.79 -11.55 -13.13
C GLY B 273 -8.19 -11.83 -14.56
N ILE B 274 -7.63 -11.07 -15.52
CA ILE B 274 -7.87 -11.31 -16.94
C ILE B 274 -7.37 -12.70 -17.34
N GLY B 275 -6.18 -13.08 -16.87
CA GLY B 275 -5.70 -14.43 -17.13
C GLY B 275 -6.60 -15.49 -16.51
N HIS B 276 -7.02 -15.25 -15.26
CA HIS B 276 -7.90 -16.16 -14.53
C HIS B 276 -9.21 -16.39 -15.28
N PHE B 277 -9.91 -15.32 -15.64
CA PHE B 277 -11.16 -15.45 -16.38
C PHE B 277 -10.95 -16.17 -17.70
N TYR B 278 -9.76 -16.07 -18.29
CA TYR B 278 -9.52 -16.67 -19.60
C TYR B 278 -9.44 -18.19 -19.49
N HIS B 279 -8.68 -18.70 -18.51
CA HIS B 279 -8.60 -20.14 -18.27
C HIS B 279 -9.98 -20.77 -18.06
N ILE B 280 -10.86 -20.04 -17.38
CA ILE B 280 -12.19 -20.54 -17.09
C ILE B 280 -13.08 -20.46 -18.33
N PHE B 281 -13.32 -19.24 -18.81
CA PHE B 281 -14.39 -18.96 -19.76
C PHE B 281 -13.98 -19.03 -21.23
N TYR B 282 -12.70 -19.18 -21.53
CA TYR B 282 -12.26 -19.40 -22.90
C TYR B 282 -11.53 -20.72 -23.07
N GLU B 283 -10.54 -21.01 -22.21
CA GLU B 283 -9.78 -22.26 -22.27
C GLU B 283 -10.51 -23.46 -21.64
N GLY B 284 -11.54 -23.23 -20.83
CA GLY B 284 -12.32 -24.31 -20.23
C GLY B 284 -11.60 -25.16 -19.19
N CYS B 285 -10.71 -24.56 -18.42
CA CYS B 285 -9.83 -25.32 -17.53
C CYS B 285 -10.58 -26.22 -16.54
N LEU B 286 -11.84 -25.92 -16.24
CA LEU B 286 -12.63 -26.72 -15.31
C LEU B 286 -13.47 -27.77 -16.03
N THR B 287 -13.42 -27.78 -17.38
CA THR B 287 -14.17 -28.66 -18.25
C THR B 287 -13.29 -29.49 -19.18
N ASP B 288 -12.04 -29.06 -19.43
CA ASP B 288 -11.10 -29.68 -20.37
C ASP B 288 -10.81 -31.14 -20.06
N HIS B 289 -11.67 -31.78 -19.31
CA HIS B 289 -11.27 -32.97 -18.58
C HIS B 289 -12.53 -33.75 -18.26
N GLU B 290 -12.38 -35.02 -17.90
CA GLU B 290 -13.48 -35.72 -17.28
C GLU B 290 -13.06 -36.42 -16.00
N VAL B 291 -14.06 -36.63 -15.14
CA VAL B 291 -13.86 -37.24 -13.83
C VAL B 291 -15.05 -38.16 -13.60
N GLY B 292 -14.79 -39.24 -12.86
CA GLY B 292 -15.78 -40.27 -12.57
C GLY B 292 -16.43 -40.05 -11.22
N GLU B 293 -16.81 -41.14 -10.58
CA GLU B 293 -17.59 -41.05 -9.36
C GLU B 293 -16.78 -41.27 -8.09
N ASP B 294 -15.62 -41.93 -8.20
CA ASP B 294 -14.76 -42.11 -7.04
C ASP B 294 -14.01 -40.86 -6.69
N GLU B 295 -14.30 -39.77 -7.36
CA GLU B 295 -13.36 -38.67 -7.37
C GLU B 295 -14.04 -37.31 -7.42
N GLU B 296 -15.37 -37.27 -7.25
CA GLU B 296 -16.20 -36.12 -7.60
C GLU B 296 -17.20 -35.91 -6.46
N ALA B 297 -17.03 -34.81 -5.72
CA ALA B 297 -17.65 -34.66 -4.41
C ALA B 297 -19.15 -35.00 -4.41
N SER B 298 -19.90 -34.50 -5.39
CA SER B 298 -21.36 -34.68 -5.34
C SER B 298 -21.76 -36.15 -5.33
N SER B 299 -20.97 -37.02 -5.96
CA SER B 299 -21.31 -38.44 -5.99
C SER B 299 -20.85 -39.15 -4.71
N LEU B 300 -19.68 -38.78 -4.17
CA LEU B 300 -19.29 -39.38 -2.90
C LEU B 300 -20.18 -38.92 -1.74
N TYR B 301 -20.94 -37.84 -1.92
CA TYR B 301 -21.81 -37.30 -0.88
C TYR B 301 -23.10 -36.84 -1.54
N PRO B 302 -23.99 -37.77 -1.86
CA PRO B 302 -25.30 -37.39 -2.40
C PRO B 302 -26.29 -36.95 -1.35
N ASP B 303 -25.96 -37.10 -0.07
CA ASP B 303 -26.73 -36.51 1.02
C ASP B 303 -26.70 -34.98 1.00
N VAL B 304 -25.91 -34.38 0.11
CA VAL B 304 -25.97 -32.95 -0.15
C VAL B 304 -27.03 -32.71 -1.21
N LYS B 305 -27.98 -31.84 -0.90
CA LYS B 305 -28.78 -31.28 -1.99
C LYS B 305 -28.19 -29.92 -2.31
N TYR B 306 -27.04 -29.94 -2.98
CA TYR B 306 -26.32 -28.71 -3.28
C TYR B 306 -27.20 -27.76 -4.08
N LYS B 307 -26.91 -26.47 -3.95
CA LYS B 307 -27.75 -25.44 -4.55
C LYS B 307 -27.39 -25.26 -6.03
N ARG B 308 -28.40 -25.31 -6.89
CA ARG B 308 -28.20 -25.05 -8.32
C ARG B 308 -28.33 -23.57 -8.62
N MET B 309 -27.65 -23.16 -9.69
CA MET B 309 -27.53 -21.74 -10.02
C MET B 309 -28.87 -21.09 -10.26
N ASP B 310 -29.93 -21.87 -10.45
CA ASP B 310 -31.26 -21.29 -10.45
C ASP B 310 -31.61 -20.76 -9.07
N ASP B 311 -31.54 -21.62 -8.05
CA ASP B 311 -31.97 -21.23 -6.72
C ASP B 311 -31.06 -20.16 -6.16
N TYR B 312 -29.74 -20.29 -6.40
CA TYR B 312 -28.77 -19.27 -6.04
C TYR B 312 -29.13 -17.93 -6.67
N LEU B 313 -29.15 -17.85 -8.00
CA LEU B 313 -29.51 -16.58 -8.62
C LEU B 313 -30.86 -16.07 -8.18
N ARG B 314 -31.72 -16.90 -7.60
CA ARG B 314 -33.02 -16.39 -7.17
C ARG B 314 -32.89 -15.46 -5.97
N MET B 315 -31.85 -15.63 -5.15
CA MET B 315 -31.60 -14.77 -4.00
C MET B 315 -31.45 -13.28 -4.36
N PHE B 316 -31.36 -12.91 -5.63
CA PHE B 316 -31.06 -11.54 -6.02
C PHE B 316 -32.24 -10.75 -6.59
N LEU B 317 -33.44 -11.32 -6.69
CA LEU B 317 -34.49 -10.65 -7.49
C LEU B 317 -35.39 -9.61 -6.82
N LYS C 9 28.01 35.74 -15.83
CA LYS C 9 26.81 36.56 -15.94
C LYS C 9 25.62 35.69 -16.34
N THR C 10 24.44 36.32 -16.35
CA THR C 10 23.15 35.68 -16.58
C THR C 10 22.81 34.79 -15.38
N ARG C 11 22.18 35.40 -14.39
CA ARG C 11 21.79 34.69 -13.17
C ARG C 11 20.48 33.93 -13.44
N VAL C 12 20.46 32.63 -13.16
CA VAL C 12 19.33 31.77 -13.52
C VAL C 12 18.80 31.05 -12.29
N LEU C 13 17.48 31.01 -12.15
CA LEU C 13 16.79 30.21 -11.14
C LEU C 13 16.17 28.99 -11.82
N VAL C 14 16.51 27.80 -11.35
CA VAL C 14 15.89 26.56 -11.80
C VAL C 14 14.87 26.13 -10.77
N VAL C 15 13.60 25.99 -11.18
CA VAL C 15 12.51 25.49 -10.33
C VAL C 15 12.13 24.10 -10.82
N GLY C 16 12.00 23.16 -9.89
CA GLY C 16 11.70 21.78 -10.23
C GLY C 16 12.93 20.94 -10.47
N ALA C 17 14.01 21.20 -9.75
CA ALA C 17 15.29 20.58 -10.08
C ALA C 17 15.39 19.16 -9.62
N THR C 18 14.36 18.59 -9.00
CA THR C 18 14.41 17.16 -8.73
C THR C 18 13.87 16.34 -9.90
N GLY C 19 13.19 16.98 -10.85
CA GLY C 19 12.62 16.29 -11.98
C GLY C 19 13.65 15.72 -12.94
N TYR C 20 13.16 14.83 -13.81
CA TYR C 20 14.06 14.03 -14.65
C TYR C 20 14.90 14.93 -15.54
N ILE C 21 14.25 15.88 -16.22
CA ILE C 21 14.95 16.84 -17.06
C ILE C 21 15.61 17.92 -16.21
N GLY C 22 14.92 18.39 -15.16
CA GLY C 22 15.43 19.50 -14.37
C GLY C 22 16.82 19.28 -13.81
N LYS C 23 17.06 18.13 -13.16
CA LYS C 23 18.42 17.71 -12.79
C LYS C 23 19.40 18.10 -13.89
N ARG C 24 19.04 17.74 -15.13
CA ARG C 24 19.99 17.85 -16.22
C ARG C 24 20.15 19.31 -16.65
N ILE C 25 19.12 20.14 -16.42
CA ILE C 25 19.18 21.56 -16.73
C ILE C 25 20.07 22.30 -15.73
N VAL C 26 19.96 21.99 -14.45
CA VAL C 26 20.89 22.55 -13.47
C VAL C 26 22.32 22.30 -13.92
N ARG C 27 22.69 21.02 -14.10
CA ARG C 27 24.06 20.70 -14.51
C ARG C 27 24.44 21.42 -15.80
N ALA C 28 23.48 21.58 -16.72
CA ALA C 28 23.77 22.21 -18.00
C ALA C 28 23.99 23.71 -17.86
N CYS C 29 23.27 24.37 -16.95
CA CYS C 29 23.51 25.78 -16.67
C CYS C 29 24.91 25.98 -16.11
N LEU C 30 25.21 25.29 -15.00
CA LEU C 30 26.54 25.37 -14.41
C LEU C 30 27.62 25.11 -15.44
N ALA C 31 27.40 24.15 -16.35
CA ALA C 31 28.44 23.85 -17.33
C ALA C 31 28.54 24.97 -18.37
N GLU C 32 27.46 25.73 -18.58
CA GLU C 32 27.41 26.83 -19.55
C GLU C 32 27.92 28.18 -19.00
N GLY C 33 28.38 28.22 -17.75
CA GLY C 33 28.92 29.44 -17.19
C GLY C 33 27.93 30.37 -16.50
N HIS C 34 26.66 30.00 -16.38
CA HIS C 34 25.73 30.87 -15.64
C HIS C 34 25.92 30.70 -14.14
N GLU C 35 25.40 31.66 -13.38
CA GLU C 35 25.31 31.53 -11.94
C GLU C 35 23.93 30.95 -11.66
N THR C 36 23.90 29.77 -11.01
CA THR C 36 22.72 28.92 -11.06
C THR C 36 22.12 28.72 -9.68
N TYR C 37 20.94 29.28 -9.47
CA TYR C 37 20.23 29.17 -8.21
C TYR C 37 19.12 28.14 -8.36
N VAL C 38 19.03 27.21 -7.41
CA VAL C 38 18.06 26.13 -7.50
C VAL C 38 17.13 26.23 -6.28
N LEU C 39 15.83 26.37 -6.55
CA LEU C 39 14.86 26.47 -5.46
C LEU C 39 14.82 25.16 -4.69
N GLN C 40 14.92 25.25 -3.35
CA GLN C 40 14.83 24.11 -2.44
C GLN C 40 13.53 24.23 -1.67
N ARG C 41 12.58 23.37 -2.00
CA ARG C 41 11.25 23.39 -1.43
C ARG C 41 11.20 22.56 -0.16
N PRO C 42 10.16 22.75 0.65
CA PRO C 42 10.04 21.97 1.90
C PRO C 42 10.26 20.49 1.72
N GLU C 43 9.70 19.89 0.65
CA GLU C 43 9.68 18.45 0.49
C GLU C 43 11.08 17.84 0.46
N ILE C 44 12.02 18.49 -0.24
CA ILE C 44 13.40 18.03 -0.21
C ILE C 44 13.81 17.96 1.25
N GLY C 45 14.38 16.84 1.67
CA GLY C 45 14.66 16.68 3.06
C GLY C 45 13.71 15.77 3.79
N LEU C 46 12.63 15.34 3.13
CA LEU C 46 11.91 14.16 3.57
C LEU C 46 12.42 12.90 2.89
N GLU C 47 13.05 13.03 1.73
CA GLU C 47 13.47 11.90 0.91
C GLU C 47 14.97 12.02 0.63
N ILE C 48 15.77 11.11 1.17
CA ILE C 48 17.24 11.22 1.14
C ILE C 48 17.76 11.49 -0.26
N GLU C 49 17.17 10.84 -1.28
CA GLU C 49 17.72 10.99 -2.62
C GLU C 49 17.68 12.45 -3.05
N LYS C 50 16.62 13.17 -2.66
CA LYS C 50 16.50 14.59 -2.99
C LYS C 50 17.57 15.43 -2.26
N VAL C 51 17.83 15.12 -0.99
CA VAL C 51 18.84 15.86 -0.23
C VAL C 51 20.21 15.76 -0.90
N GLN C 52 20.58 14.55 -1.32
CA GLN C 52 21.94 14.36 -1.77
C GLN C 52 22.12 14.79 -3.22
N LEU C 53 21.04 14.76 -4.00
CA LEU C 53 21.07 15.42 -5.29
C LEU C 53 21.43 16.89 -5.09
N PHE C 54 20.73 17.55 -4.17
CA PHE C 54 20.96 18.97 -3.92
C PHE C 54 22.38 19.21 -3.44
N LEU C 55 22.84 18.42 -2.47
CA LEU C 55 24.22 18.56 -2.07
C LEU C 55 25.18 18.28 -3.22
N SER C 56 24.76 17.50 -4.20
CA SER C 56 25.66 17.30 -5.32
C SER C 56 25.71 18.55 -6.20
N PHE C 57 24.59 19.28 -6.28
CA PHE C 57 24.60 20.56 -6.98
C PHE C 57 25.62 21.51 -6.33
N LYS C 58 25.41 21.84 -5.05
CA LYS C 58 26.35 22.68 -4.30
C LYS C 58 27.80 22.32 -4.62
N LYS C 59 28.12 21.04 -4.60
CA LYS C 59 29.48 20.57 -4.93
C LYS C 59 29.92 21.05 -6.33
N LEU C 60 28.98 21.28 -7.24
CA LEU C 60 29.29 21.71 -8.59
C LEU C 60 29.26 23.23 -8.76
N GLY C 61 28.78 23.97 -7.76
CA GLY C 61 28.65 25.41 -7.87
C GLY C 61 27.26 25.98 -7.65
N ALA C 62 26.22 25.20 -7.43
CA ALA C 62 24.90 25.82 -7.31
C ALA C 62 24.78 26.59 -5.99
N ARG C 63 23.88 27.58 -5.98
CA ARG C 63 23.52 28.30 -4.78
C ARG C 63 22.06 27.99 -4.46
N ILE C 64 21.79 27.52 -3.24
CA ILE C 64 20.45 27.05 -2.86
C ILE C 64 19.62 28.24 -2.39
N VAL C 65 18.34 28.28 -2.77
CA VAL C 65 17.41 29.30 -2.29
C VAL C 65 16.14 28.60 -1.83
N GLU C 66 15.73 28.83 -0.59
CA GLU C 66 14.59 28.14 0.01
C GLU C 66 13.30 28.85 -0.33
N GLY C 67 12.28 28.07 -0.68
CA GLY C 67 11.02 28.61 -1.14
C GLY C 67 9.96 27.52 -1.15
N SER C 68 8.72 27.95 -1.06
CA SER C 68 7.58 27.07 -0.97
C SER C 68 6.48 27.65 -1.85
N PHE C 69 5.79 26.80 -2.60
CA PHE C 69 4.69 27.29 -3.41
C PHE C 69 3.54 27.80 -2.55
N SER C 70 3.47 27.39 -1.29
CA SER C 70 2.48 27.93 -0.37
C SER C 70 2.77 29.40 -0.02
N ASP C 71 4.05 29.79 0.01
CA ASP C 71 4.48 31.10 0.48
C ASP C 71 4.80 31.98 -0.72
N HIS C 72 3.83 32.80 -1.13
CA HIS C 72 4.00 33.70 -2.28
C HIS C 72 5.26 34.54 -2.16
N GLN C 73 5.58 35.05 -0.97
CA GLN C 73 6.73 35.93 -0.91
C GLN C 73 8.06 35.17 -0.87
N SER C 74 8.08 33.88 -0.53
CA SER C 74 9.33 33.15 -0.65
C SER C 74 9.77 33.03 -2.10
N LEU C 75 8.83 33.15 -3.05
CA LEU C 75 9.09 33.01 -4.48
C LEU C 75 9.36 34.33 -5.16
N VAL C 76 8.60 35.39 -4.85
CA VAL C 76 8.95 36.71 -5.38
C VAL C 76 10.37 37.08 -4.98
N SER C 77 10.82 36.59 -3.83
CA SER C 77 12.17 36.91 -3.37
C SER C 77 13.20 36.06 -4.09
N ALA C 78 12.91 34.76 -4.22
CA ALA C 78 13.76 33.88 -5.01
C ALA C 78 13.88 34.40 -6.43
N VAL C 79 12.73 34.65 -7.07
CA VAL C 79 12.69 35.25 -8.40
C VAL C 79 13.55 36.52 -8.48
N LYS C 80 13.42 37.40 -7.48
CA LYS C 80 14.05 38.72 -7.53
C LYS C 80 15.57 38.64 -7.68
N LEU C 81 16.19 37.48 -7.43
CA LEU C 81 17.64 37.40 -7.45
C LEU C 81 18.22 37.02 -8.82
N VAL C 82 17.41 36.75 -9.83
CA VAL C 82 17.96 36.25 -11.07
C VAL C 82 17.44 37.05 -12.26
N ASP C 83 18.14 36.92 -13.37
CA ASP C 83 17.67 37.44 -14.66
C ASP C 83 16.62 36.54 -15.30
N VAL C 84 16.72 35.20 -15.14
CA VAL C 84 15.96 34.22 -15.89
C VAL C 84 15.42 33.12 -14.97
N VAL C 85 14.13 32.80 -15.07
CA VAL C 85 13.58 31.66 -14.35
C VAL C 85 13.19 30.55 -15.35
N VAL C 86 13.76 29.36 -15.16
CA VAL C 86 13.37 28.18 -15.91
C VAL C 86 12.59 27.25 -14.98
N SER C 87 11.40 26.85 -15.40
CA SER C 87 10.60 25.89 -14.64
C SER C 87 10.56 24.55 -15.38
N ALA C 88 10.74 23.45 -14.62
CA ALA C 88 10.80 22.10 -15.19
C ALA C 88 10.12 21.10 -14.27
N MET C 89 8.80 21.24 -14.11
CA MET C 89 8.07 20.51 -13.08
C MET C 89 7.37 19.33 -13.75
N SER C 90 7.94 18.15 -13.55
CA SER C 90 7.47 16.92 -14.18
C SER C 90 6.71 16.13 -13.13
N HIS C 97 -1.66 18.31 -11.39
CA HIS C 97 -1.39 19.68 -10.96
C HIS C 97 0.07 19.89 -10.53
N ASN C 98 0.99 19.41 -11.34
CA ASN C 98 2.36 19.90 -11.27
C ASN C 98 2.62 20.98 -12.31
N ILE C 99 1.78 21.08 -13.33
CA ILE C 99 1.92 22.15 -14.31
C ILE C 99 1.17 23.40 -13.85
N LEU C 100 -0.05 23.23 -13.34
CA LEU C 100 -0.83 24.39 -12.94
C LEU C 100 -0.23 25.13 -11.75
N VAL C 101 0.53 24.43 -10.90
CA VAL C 101 1.17 25.09 -9.76
C VAL C 101 2.11 26.17 -10.25
N GLN C 102 2.62 26.03 -11.48
CA GLN C 102 3.46 27.07 -12.07
C GLN C 102 2.77 28.43 -12.08
N LEU C 103 1.44 28.45 -12.19
CA LEU C 103 0.68 29.70 -12.09
C LEU C 103 1.04 30.47 -10.82
N LYS C 104 1.23 29.77 -9.68
CA LYS C 104 1.63 30.47 -8.48
C LYS C 104 3.00 31.13 -8.64
N LEU C 105 3.89 30.50 -9.39
CA LEU C 105 5.19 31.08 -9.69
C LEU C 105 5.11 32.20 -10.73
N VAL C 106 4.09 32.20 -11.59
CA VAL C 106 4.02 33.26 -12.60
C VAL C 106 3.59 34.59 -11.96
N GLU C 107 2.63 34.55 -11.03
CA GLU C 107 2.26 35.77 -10.32
C GLU C 107 3.45 36.35 -9.56
N ALA C 108 4.27 35.48 -8.95
CA ALA C 108 5.46 35.94 -8.23
C ALA C 108 6.44 36.63 -9.17
N ILE C 109 6.71 36.03 -10.33
CA ILE C 109 7.56 36.66 -11.34
C ILE C 109 6.95 37.98 -11.81
N LYS C 110 5.61 38.04 -11.83
CA LYS C 110 4.92 39.30 -12.14
C LYS C 110 5.22 40.34 -11.07
N GLU C 111 4.84 40.04 -9.82
CA GLU C 111 5.02 40.99 -8.72
C GLU C 111 6.46 41.53 -8.61
N ALA C 112 7.47 40.70 -8.90
CA ALA C 112 8.84 41.15 -8.72
C ALA C 112 9.32 42.06 -9.84
N GLY C 113 8.82 41.85 -11.06
CA GLY C 113 9.03 42.77 -12.16
C GLY C 113 10.41 42.78 -12.79
N ASN C 114 11.42 42.34 -12.06
CA ASN C 114 12.80 42.40 -12.53
C ASN C 114 13.15 41.33 -13.55
N VAL C 115 12.22 40.41 -13.84
CA VAL C 115 12.53 39.13 -14.46
C VAL C 115 12.61 39.30 -15.95
N LYS C 116 13.79 39.06 -16.52
CA LYS C 116 13.99 39.31 -17.94
C LYS C 116 13.44 38.21 -18.86
N ARG C 117 13.23 36.98 -18.37
CA ARG C 117 12.72 35.92 -19.24
C ARG C 117 12.34 34.68 -18.43
N PHE C 118 11.22 34.06 -18.79
CA PHE C 118 10.70 32.86 -18.14
C PHE C 118 10.63 31.70 -19.13
N LEU C 119 11.33 30.59 -18.82
CA LEU C 119 11.16 29.36 -19.59
C LEU C 119 10.17 28.44 -18.87
N PRO C 120 8.92 28.36 -19.32
CA PRO C 120 7.95 27.51 -18.63
C PRO C 120 8.20 26.04 -18.96
N SER C 121 7.49 25.18 -18.21
CA SER C 121 7.71 23.73 -18.28
C SER C 121 6.95 23.18 -19.48
N GLU C 122 7.59 23.29 -20.63
CA GLU C 122 7.16 22.70 -21.89
C GLU C 122 8.39 22.01 -22.42
N PHE C 123 8.41 20.69 -22.44
CA PHE C 123 9.55 20.04 -23.06
C PHE C 123 9.11 18.81 -23.80
N GLY C 124 7.83 18.78 -24.19
CA GLY C 124 7.28 17.71 -24.99
C GLY C 124 6.81 18.25 -26.33
N MET C 125 5.53 18.08 -26.64
CA MET C 125 5.00 18.52 -27.91
C MET C 125 4.51 19.96 -27.78
N ASP C 126 4.44 20.66 -28.92
CA ASP C 126 4.03 22.05 -28.94
C ASP C 126 2.55 22.16 -28.62
N PRO C 127 2.15 22.66 -27.46
CA PRO C 127 0.73 22.55 -27.02
C PRO C 127 -0.25 23.24 -27.96
N PRO C 128 0.06 24.41 -28.55
CA PRO C 128 -0.95 25.06 -29.40
C PRO C 128 -1.30 24.27 -30.64
N ARG C 129 -0.54 23.23 -30.97
CA ARG C 129 -0.81 22.42 -32.15
C ARG C 129 -1.68 21.19 -31.83
N MET C 130 -1.66 20.72 -30.60
CA MET C 130 -2.43 19.54 -30.20
C MET C 130 -3.90 19.83 -29.99
N GLY C 131 -4.49 20.73 -30.77
CA GLY C 131 -5.90 21.03 -30.62
C GLY C 131 -6.80 19.84 -30.85
N HIS C 132 -6.30 18.82 -31.57
CA HIS C 132 -7.05 17.63 -31.93
C HIS C 132 -6.99 16.54 -30.87
N ALA C 133 -6.33 16.79 -29.74
CA ALA C 133 -5.95 15.75 -28.79
C ALA C 133 -7.12 14.98 -28.19
N LEU C 134 -6.81 14.00 -27.35
CA LEU C 134 -7.69 12.90 -26.98
C LEU C 134 -7.78 12.85 -25.46
N PRO C 135 -8.90 13.27 -24.84
CA PRO C 135 -8.91 13.10 -23.37
C PRO C 135 -8.73 11.62 -23.02
N PRO C 136 -8.01 11.31 -21.91
CA PRO C 136 -7.49 12.19 -20.87
C PRO C 136 -6.28 13.03 -21.27
N GLY C 137 -5.31 12.44 -21.99
CA GLY C 137 -4.07 13.09 -22.36
C GLY C 137 -4.17 14.52 -22.86
N ARG C 138 -5.39 14.93 -23.24
CA ARG C 138 -5.65 16.31 -23.59
C ARG C 138 -5.28 17.27 -22.47
N GLU C 139 -5.32 16.81 -21.20
CA GLU C 139 -5.12 17.71 -20.07
C GLU C 139 -3.74 18.35 -20.07
N THR C 140 -2.72 17.65 -20.59
CA THR C 140 -1.36 18.17 -20.51
C THR C 140 -1.21 19.43 -21.37
N PHE C 141 -1.71 19.40 -22.60
CA PHE C 141 -1.42 20.52 -23.50
C PHE C 141 -2.16 21.78 -23.08
N ASP C 142 -3.32 21.66 -22.42
CA ASP C 142 -4.04 22.88 -22.05
C ASP C 142 -3.75 23.36 -20.63
N GLN C 143 -3.46 22.47 -19.68
CA GLN C 143 -2.83 22.93 -18.45
C GLN C 143 -1.54 23.67 -18.76
N LYS C 144 -0.89 23.32 -19.88
CA LYS C 144 0.35 23.97 -20.31
C LYS C 144 0.05 25.26 -21.07
N MET C 145 -0.98 25.28 -21.91
CA MET C 145 -1.39 26.51 -22.59
C MET C 145 -1.94 27.53 -21.61
N GLU C 146 -2.66 27.08 -20.57
CA GLU C 146 -3.15 27.99 -19.53
C GLU C 146 -2.01 28.77 -18.89
N VAL C 147 -0.81 28.20 -18.90
CA VAL C 147 0.35 28.89 -18.33
C VAL C 147 0.94 29.89 -19.31
N ARG C 148 0.81 29.65 -20.62
CA ARG C 148 1.32 30.62 -21.59
C ARG C 148 0.50 31.91 -21.56
N GLN C 149 -0.81 31.83 -21.33
CA GLN C 149 -1.60 33.05 -21.28
C GLN C 149 -1.23 33.88 -20.06
N ALA C 150 -1.19 33.25 -18.87
CA ALA C 150 -0.68 33.93 -17.69
C ALA C 150 0.65 34.62 -17.95
N ILE C 151 1.59 33.93 -18.61
CA ILE C 151 2.84 34.58 -19.00
C ILE C 151 2.54 35.81 -19.85
N GLU C 152 1.96 35.59 -21.04
CA GLU C 152 1.76 36.68 -21.98
C GLU C 152 0.84 37.73 -21.41
N ALA C 153 -0.24 37.32 -20.74
CA ALA C 153 -1.18 38.24 -20.12
C ALA C 153 -0.67 38.81 -18.79
N ALA C 154 0.63 38.67 -18.53
CA ALA C 154 1.32 39.45 -17.50
C ALA C 154 2.59 40.05 -18.06
N GLY C 155 2.74 40.05 -19.39
CA GLY C 155 3.84 40.71 -20.07
C GLY C 155 5.20 40.18 -19.73
N ILE C 156 5.30 38.92 -19.31
CA ILE C 156 6.58 38.31 -18.98
C ILE C 156 7.22 37.82 -20.27
N PRO C 157 8.43 38.26 -20.59
CA PRO C 157 9.16 37.66 -21.72
C PRO C 157 9.33 36.17 -21.49
N TYR C 158 9.31 35.42 -22.59
CA TYR C 158 9.19 33.98 -22.48
C TYR C 158 10.02 33.29 -23.56
N THR C 159 10.24 31.99 -23.34
CA THR C 159 10.76 31.08 -24.35
C THR C 159 10.16 29.71 -24.12
N TYR C 160 9.43 29.19 -25.10
CA TYR C 160 8.88 27.84 -25.06
C TYR C 160 9.82 26.88 -25.78
N VAL C 161 10.34 25.88 -25.09
CA VAL C 161 11.17 24.86 -25.74
C VAL C 161 10.31 23.65 -26.07
N VAL C 162 10.15 23.31 -27.36
CA VAL C 162 9.30 22.19 -27.73
C VAL C 162 9.99 21.29 -28.77
N GLY C 163 9.39 20.12 -28.98
CA GLY C 163 9.66 19.36 -30.19
C GLY C 163 10.18 17.94 -30.18
N ALA C 164 10.87 17.49 -29.13
CA ALA C 164 11.64 16.24 -29.17
C ALA C 164 11.24 15.25 -28.06
N CYS C 165 11.11 13.98 -28.43
CA CYS C 165 11.01 12.88 -27.45
C CYS C 165 12.29 12.70 -26.64
N PHE C 166 12.14 12.39 -25.36
CA PHE C 166 13.31 12.06 -24.57
C PHE C 166 13.85 10.69 -24.97
N ALA C 167 15.15 10.63 -25.29
CA ALA C 167 15.76 9.36 -25.68
C ALA C 167 15.53 8.27 -24.65
N ALA C 168 15.56 8.61 -23.35
CA ALA C 168 15.45 7.57 -22.33
C ALA C 168 14.12 6.86 -22.38
N TYR C 169 13.04 7.60 -22.67
CA TYR C 169 11.68 7.10 -22.66
C TYR C 169 11.16 6.65 -24.02
N PHE C 170 11.85 6.97 -25.11
CA PHE C 170 11.33 6.60 -26.44
C PHE C 170 12.36 5.94 -27.35
N ALA C 171 13.64 5.98 -27.03
CA ALA C 171 14.64 5.39 -27.89
C ALA C 171 15.27 4.14 -27.31
N GLY C 172 15.66 4.17 -26.02
CA GLY C 172 16.31 3.02 -25.44
C GLY C 172 15.39 1.84 -25.22
N ASN C 173 14.08 2.07 -25.26
CA ASN C 173 13.05 1.05 -25.19
C ASN C 173 12.51 0.68 -26.57
N LEU C 174 13.28 0.96 -27.62
CA LEU C 174 12.79 1.02 -29.00
C LEU C 174 11.30 1.32 -29.06
N SER C 175 10.87 2.39 -28.37
CA SER C 175 9.48 2.85 -28.31
C SER C 175 8.50 1.76 -27.84
N GLN C 176 8.97 0.73 -27.14
CA GLN C 176 8.05 -0.23 -26.54
C GLN C 176 7.57 0.30 -25.22
N MET C 177 6.30 0.11 -24.91
CA MET C 177 5.83 0.56 -23.61
C MET C 177 6.08 -0.50 -22.54
N VAL C 178 5.92 -0.08 -21.28
CA VAL C 178 5.98 -0.93 -20.10
C VAL C 178 7.42 -1.24 -19.72
N THR C 179 8.38 -0.98 -20.60
CA THR C 179 9.79 -1.13 -20.23
C THR C 179 10.62 0.07 -20.71
N LEU C 180 11.84 0.18 -20.14
CA LEU C 180 12.81 1.22 -20.51
C LEU C 180 14.12 0.62 -21.04
N LEU C 181 14.08 -0.59 -21.56
CA LEU C 181 15.27 -1.25 -22.08
C LEU C 181 14.94 -1.92 -23.41
N PRO C 182 15.95 -2.23 -24.22
CA PRO C 182 15.68 -2.89 -25.48
C PRO C 182 15.08 -4.28 -25.25
N PRO C 183 14.18 -4.70 -26.12
CA PRO C 183 13.70 -6.07 -26.08
C PRO C 183 14.78 -7.05 -26.51
N LYS C 184 14.62 -8.29 -26.05
CA LYS C 184 15.54 -9.36 -26.39
C LYS C 184 15.23 -9.97 -27.75
N GLU C 185 13.94 -10.21 -28.08
CA GLU C 185 13.66 -10.94 -29.31
C GLU C 185 12.54 -10.35 -30.14
N LYS C 186 11.46 -9.91 -29.49
CA LYS C 186 10.31 -9.38 -30.22
C LYS C 186 10.24 -7.87 -30.07
N VAL C 187 9.61 -7.22 -31.04
CA VAL C 187 9.37 -5.78 -30.97
C VAL C 187 8.06 -5.46 -31.69
N ASN C 188 7.27 -4.57 -31.10
CA ASN C 188 6.12 -4.03 -31.82
C ASN C 188 6.49 -2.79 -32.66
N ILE C 189 5.88 -2.71 -33.84
CA ILE C 189 6.07 -1.66 -34.82
C ILE C 189 4.71 -1.02 -35.05
N TYR C 190 4.57 0.26 -34.72
CA TYR C 190 3.27 0.92 -34.81
C TYR C 190 2.98 1.29 -36.26
N GLY C 191 1.87 0.78 -36.78
CA GLY C 191 1.59 0.93 -38.20
C GLY C 191 2.71 0.27 -38.97
N ASP C 192 3.09 0.90 -40.08
CA ASP C 192 4.17 0.37 -40.90
C ASP C 192 5.55 0.87 -40.44
N GLY C 193 5.66 1.44 -39.24
CA GLY C 193 6.93 1.94 -38.76
C GLY C 193 7.53 3.06 -39.58
N ASN C 194 6.78 3.60 -40.53
CA ASN C 194 7.25 4.57 -41.48
C ASN C 194 6.97 6.01 -41.06
N VAL C 195 6.63 6.26 -39.80
CA VAL C 195 6.26 7.61 -39.36
C VAL C 195 7.44 8.26 -38.66
N LYS C 196 7.71 9.52 -39.03
CA LYS C 196 8.90 10.26 -38.62
C LYS C 196 8.75 10.86 -37.21
N VAL C 197 9.59 10.41 -36.27
CA VAL C 197 9.61 10.89 -34.88
C VAL C 197 10.92 11.64 -34.61
N VAL C 198 10.89 12.57 -33.65
CA VAL C 198 12.08 13.31 -33.22
C VAL C 198 12.56 12.77 -31.88
N PHE C 199 13.83 12.38 -31.81
CA PHE C 199 14.46 11.83 -30.61
C PHE C 199 15.60 12.74 -30.17
N ALA C 200 15.96 12.66 -28.88
CA ALA C 200 16.95 13.58 -28.32
C ALA C 200 17.47 13.18 -26.94
N ASP C 201 18.78 12.99 -26.77
CA ASP C 201 19.32 12.72 -25.44
C ASP C 201 18.86 13.83 -24.49
N GLU C 202 18.33 13.44 -23.34
CA GLU C 202 17.88 14.43 -22.38
C GLU C 202 18.98 15.42 -22.03
N ASP C 203 20.24 14.99 -22.08
CA ASP C 203 21.33 15.92 -21.79
C ASP C 203 21.43 17.02 -22.85
N ASP C 204 21.43 16.65 -24.14
CA ASP C 204 21.46 17.68 -25.17
C ASP C 204 20.24 18.61 -25.12
N ILE C 205 19.12 18.18 -24.53
CA ILE C 205 17.99 19.08 -24.36
C ILE C 205 18.23 20.05 -23.23
N ALA C 206 18.87 19.57 -22.16
CA ALA C 206 19.37 20.46 -21.12
C ALA C 206 20.35 21.48 -21.71
N LYS C 207 21.36 21.00 -22.46
CA LYS C 207 22.34 21.91 -23.01
C LYS C 207 21.66 22.96 -23.90
N TYR C 208 20.83 22.51 -24.83
CA TYR C 208 20.13 23.46 -25.68
C TYR C 208 19.32 24.46 -24.85
N THR C 209 18.75 24.00 -23.73
CA THR C 209 17.99 24.93 -22.89
C THR C 209 18.90 25.98 -22.27
N ALA C 210 20.06 25.57 -21.77
CA ALA C 210 21.02 26.49 -21.16
C ALA C 210 21.76 27.35 -22.18
N LYS C 211 21.57 27.18 -23.47
CA LYS C 211 22.16 28.14 -24.41
C LYS C 211 21.12 29.12 -24.90
N THR C 212 19.88 28.67 -25.10
CA THR C 212 18.82 29.55 -25.57
C THR C 212 18.34 30.52 -24.49
N LEU C 213 18.53 30.20 -23.21
CA LEU C 213 17.92 31.01 -22.15
C LEU C 213 18.49 32.42 -22.05
N ASN C 214 19.69 32.68 -22.60
CA ASN C 214 20.21 34.03 -22.70
C ASN C 214 20.41 34.47 -24.14
N ASP C 215 19.86 33.74 -25.12
CA ASP C 215 20.11 34.02 -26.53
C ASP C 215 19.13 35.09 -26.99
N PRO C 216 19.63 36.24 -27.51
CA PRO C 216 18.73 37.27 -28.04
C PRO C 216 17.75 36.76 -29.09
N ARG C 217 18.18 35.84 -29.96
CA ARG C 217 17.39 35.41 -31.11
C ARG C 217 16.10 34.67 -30.74
N THR C 218 15.91 34.31 -29.46
CA THR C 218 14.82 33.39 -29.10
C THR C 218 13.82 33.97 -28.11
N LEU C 219 13.94 35.25 -27.75
CA LEU C 219 13.05 35.80 -26.73
C LEU C 219 11.67 35.99 -27.32
N ASN C 220 10.65 35.64 -26.52
CA ASN C 220 9.24 35.49 -26.97
C ASN C 220 9.12 34.66 -28.24
N LYS C 221 9.94 33.62 -28.36
CA LYS C 221 9.82 32.67 -29.44
C LYS C 221 9.65 31.26 -28.88
N THR C 222 9.04 30.40 -29.68
CA THR C 222 9.06 28.96 -29.44
C THR C 222 10.29 28.39 -30.14
N VAL C 223 11.19 27.75 -29.41
CA VAL C 223 12.36 27.11 -29.98
C VAL C 223 12.04 25.63 -30.17
N ASN C 224 12.43 25.09 -31.33
CA ASN C 224 12.21 23.69 -31.67
C ASN C 224 13.52 22.94 -31.54
N ILE C 225 13.48 21.80 -30.84
CA ILE C 225 14.61 20.88 -30.81
C ILE C 225 14.29 19.78 -31.80
N ARG C 226 14.93 19.85 -32.97
CA ARG C 226 14.78 18.81 -33.97
C ARG C 226 16.12 18.58 -34.62
N PRO C 227 17.01 17.88 -33.94
CA PRO C 227 18.32 17.60 -34.54
C PRO C 227 18.14 16.71 -35.76
N PRO C 228 18.64 17.17 -36.93
CA PRO C 228 18.32 16.46 -38.19
C PRO C 228 18.70 14.99 -38.22
N ASP C 229 19.85 14.60 -37.67
CA ASP C 229 20.21 13.20 -37.70
C ASP C 229 19.29 12.35 -36.83
N ASN C 230 18.72 12.94 -35.78
CA ASN C 230 17.86 12.22 -34.86
C ASN C 230 16.39 12.27 -35.26
N VAL C 231 16.09 12.59 -36.51
CA VAL C 231 14.72 12.47 -37.02
C VAL C 231 14.57 11.07 -37.63
N LEU C 232 14.01 10.15 -36.86
CA LEU C 232 13.95 8.74 -37.23
C LEU C 232 12.50 8.25 -37.23
N THR C 233 12.20 7.38 -38.20
CA THR C 233 11.00 6.55 -38.11
C THR C 233 11.24 5.47 -37.08
N GLN C 234 10.15 4.96 -36.48
CA GLN C 234 10.33 3.93 -35.46
C GLN C 234 11.02 2.70 -36.02
N LEU C 235 10.79 2.41 -37.30
CA LEU C 235 11.48 1.27 -37.90
C LEU C 235 12.95 1.58 -38.09
N GLU C 236 13.27 2.83 -38.47
CA GLU C 236 14.68 3.24 -38.60
C GLU C 236 15.41 3.14 -37.26
N LEU C 237 14.71 3.41 -36.16
CA LEU C 237 15.32 3.26 -34.84
C LEU C 237 15.62 1.79 -34.53
N VAL C 238 14.64 0.90 -34.77
CA VAL C 238 14.83 -0.54 -34.53
C VAL C 238 15.99 -1.07 -35.36
N GLN C 239 16.06 -0.68 -36.63
CA GLN C 239 17.16 -1.11 -37.48
C GLN C 239 18.51 -0.67 -36.94
N ILE C 240 18.57 0.46 -36.20
CA ILE C 240 19.85 0.85 -35.60
C ILE C 240 20.24 -0.18 -34.54
N TRP C 241 19.29 -0.54 -33.70
CA TRP C 241 19.58 -1.56 -32.70
C TRP C 241 19.87 -2.93 -33.35
N GLU C 242 19.12 -3.29 -34.42
CA GLU C 242 19.41 -4.56 -35.08
C GLU C 242 20.84 -4.61 -35.57
N LYS C 243 21.32 -3.50 -36.15
CA LYS C 243 22.67 -3.42 -36.69
C LYS C 243 23.71 -3.32 -35.58
N LEU C 244 23.39 -2.62 -34.49
CA LEU C 244 24.29 -2.62 -33.33
C LEU C 244 24.46 -4.01 -32.72
N THR C 245 23.41 -4.86 -32.80
CA THR C 245 23.36 -6.22 -32.24
C THR C 245 23.81 -7.30 -33.19
N GLY C 246 23.63 -7.11 -34.50
CA GLY C 246 23.78 -8.21 -35.42
C GLY C 246 22.64 -9.22 -35.40
N LYS C 247 21.59 -8.97 -34.65
CA LYS C 247 20.43 -9.84 -34.60
C LYS C 247 19.19 -9.02 -35.00
N GLU C 248 18.44 -9.50 -35.99
CA GLU C 248 17.12 -8.93 -36.27
C GLU C 248 16.12 -9.30 -35.17
N LEU C 249 15.03 -8.54 -35.09
CA LEU C 249 13.98 -8.77 -34.10
C LEU C 249 12.69 -9.22 -34.78
N GLU C 250 12.01 -10.20 -34.19
CA GLU C 250 10.69 -10.56 -34.73
C GLU C 250 9.76 -9.35 -34.63
N LYS C 251 9.31 -8.84 -35.80
CA LYS C 251 8.65 -7.52 -35.91
C LYS C 251 7.16 -7.69 -36.21
N THR C 252 6.31 -7.57 -35.17
CA THR C 252 4.86 -7.50 -35.34
C THR C 252 4.40 -6.07 -35.58
N ASN C 253 3.52 -5.89 -36.57
CA ASN C 253 2.98 -4.57 -36.89
C ASN C 253 1.62 -4.37 -36.23
N ILE C 254 1.42 -3.20 -35.61
CA ILE C 254 0.21 -2.88 -34.85
C ILE C 254 -0.55 -1.79 -35.59
N ALA C 255 -1.79 -2.07 -35.98
CA ALA C 255 -2.60 -1.04 -36.58
C ALA C 255 -3.18 -0.15 -35.48
N ALA C 256 -3.58 1.06 -35.91
CA ALA C 256 -4.08 2.08 -35.00
C ALA C 256 -5.20 1.56 -34.10
N GLN C 257 -6.08 0.72 -34.64
CA GLN C 257 -7.28 0.30 -33.90
C GLN C 257 -6.98 -0.74 -32.82
N ASP C 258 -5.99 -1.62 -33.04
CA ASP C 258 -5.62 -2.55 -31.98
C ASP C 258 -4.68 -1.89 -30.98
N PHE C 259 -4.01 -0.81 -31.40
CA PHE C 259 -3.13 -0.07 -30.51
C PHE C 259 -3.90 0.49 -29.32
N LEU C 260 -5.06 1.13 -29.59
CA LEU C 260 -5.91 1.66 -28.54
C LEU C 260 -6.96 0.65 -28.06
N ALA C 261 -6.77 -0.65 -28.33
CA ALA C 261 -7.72 -1.63 -27.82
C ALA C 261 -7.70 -1.63 -26.30
N ASN C 262 -8.90 -1.69 -25.71
CA ASN C 262 -9.07 -1.80 -24.26
C ASN C 262 -8.46 -0.61 -23.51
N ILE C 263 -8.43 0.51 -24.22
CA ILE C 263 -8.25 1.83 -23.63
C ILE C 263 -9.57 2.41 -23.15
N GLU C 264 -10.72 1.87 -23.61
CA GLU C 264 -12.06 2.51 -23.47
C GLU C 264 -12.26 3.04 -22.06
N GLN C 265 -11.88 2.20 -21.10
CA GLN C 265 -10.99 2.59 -20.00
C GLN C 265 -10.18 1.29 -19.73
N MET C 266 -10.53 0.55 -18.67
CA MET C 266 -9.91 -0.74 -18.35
C MET C 266 -8.37 -0.67 -18.37
N GLU C 267 -7.84 0.51 -18.07
CA GLU C 267 -6.42 0.73 -17.79
C GLU C 267 -6.32 2.15 -17.22
N ILE C 268 -5.47 2.34 -16.21
CA ILE C 268 -5.54 3.57 -15.43
C ILE C 268 -4.97 4.70 -16.30
N PRO C 269 -5.25 6.01 -16.03
CA PRO C 269 -4.65 7.13 -16.79
C PRO C 269 -3.11 7.13 -16.97
N HIS C 270 -2.71 5.94 -17.39
CA HIS C 270 -1.70 5.65 -18.37
C HIS C 270 -2.30 5.98 -19.77
N GLN C 271 -3.64 5.94 -19.84
CA GLN C 271 -4.36 6.33 -21.04
C GLN C 271 -3.91 7.67 -21.60
N ALA C 272 -3.41 8.56 -20.73
CA ALA C 272 -2.88 9.83 -21.23
C ALA C 272 -1.55 9.62 -21.93
N GLY C 273 -0.74 8.69 -21.43
CA GLY C 273 0.55 8.42 -22.04
C GLY C 273 0.43 7.72 -23.38
N ILE C 274 -0.50 6.78 -23.49
CA ILE C 274 -0.73 6.10 -24.76
C ILE C 274 -1.49 6.98 -25.75
N GLY C 275 -2.31 7.92 -25.27
CA GLY C 275 -2.90 8.89 -26.17
C GLY C 275 -1.85 9.77 -26.83
N HIS C 276 -0.81 10.14 -26.07
CA HIS C 276 0.29 10.92 -26.63
C HIS C 276 1.06 10.10 -27.64
N PHE C 277 1.32 8.85 -27.29
CA PHE C 277 2.06 7.96 -28.17
C PHE C 277 1.40 7.87 -29.53
N TYR C 278 0.07 7.75 -29.54
CA TYR C 278 -0.67 7.82 -30.79
C TYR C 278 -0.28 9.07 -31.57
N HIS C 279 -0.47 10.26 -30.98
CA HIS C 279 -0.18 11.50 -31.67
C HIS C 279 1.20 11.50 -32.30
N ILE C 280 2.18 10.90 -31.63
CA ILE C 280 3.54 10.89 -32.16
C ILE C 280 3.72 9.82 -33.23
N PHE C 281 3.54 8.56 -32.88
CA PHE C 281 3.95 7.52 -33.80
C PHE C 281 2.91 7.18 -34.87
N TYR C 282 1.66 7.63 -34.70
CA TYR C 282 0.63 7.42 -35.71
C TYR C 282 0.32 8.66 -36.53
N GLU C 283 0.14 9.81 -35.89
CA GLU C 283 -0.10 11.07 -36.61
C GLU C 283 1.18 11.83 -36.92
N GLY C 284 2.32 11.40 -36.39
CA GLY C 284 3.57 12.10 -36.61
C GLY C 284 3.59 13.56 -36.22
N CYS C 285 2.87 13.94 -35.16
CA CYS C 285 2.67 15.36 -34.86
C CYS C 285 3.96 16.09 -34.47
N LEU C 286 5.07 15.38 -34.26
CA LEU C 286 6.35 16.04 -34.05
C LEU C 286 7.01 16.47 -35.35
N THR C 287 6.58 15.89 -36.48
CA THR C 287 7.20 16.14 -37.79
C THR C 287 6.18 16.53 -38.88
N ASP C 288 4.90 16.74 -38.53
CA ASP C 288 3.92 17.07 -39.55
C ASP C 288 4.14 18.45 -40.15
N HIS C 289 4.78 19.34 -39.42
CA HIS C 289 5.06 20.71 -39.83
C HIS C 289 6.56 20.92 -39.95
N GLU C 290 6.94 21.98 -40.66
CA GLU C 290 8.34 22.34 -40.86
C GLU C 290 8.70 23.55 -39.99
N VAL C 291 10.00 23.77 -39.81
CA VAL C 291 10.51 24.89 -39.04
C VAL C 291 11.78 25.42 -39.69
N GLY C 292 12.05 26.72 -39.48
CA GLY C 292 13.22 27.35 -40.06
C GLY C 292 14.45 27.22 -39.17
N GLU C 293 15.63 27.30 -39.80
CA GLU C 293 16.86 27.20 -39.03
C GLU C 293 16.89 28.21 -37.89
N ASP C 294 16.21 29.35 -38.06
CA ASP C 294 16.16 30.44 -37.09
C ASP C 294 15.29 30.13 -35.86
N GLU C 295 14.61 28.97 -35.82
CA GLU C 295 13.84 28.57 -34.65
C GLU C 295 14.09 27.10 -34.29
N GLU C 296 15.17 26.50 -34.78
CA GLU C 296 15.49 25.11 -34.52
C GLU C 296 16.83 25.06 -33.80
N ALA C 297 16.85 24.39 -32.64
CA ALA C 297 17.96 24.51 -31.71
C ALA C 297 19.28 23.98 -32.25
N SER C 298 19.28 23.04 -33.21
CA SER C 298 20.59 22.51 -33.60
C SER C 298 21.30 23.44 -34.57
N SER C 299 20.55 24.19 -35.39
CA SER C 299 21.19 25.20 -36.23
C SER C 299 21.59 26.43 -35.42
N LEU C 300 20.74 26.83 -34.48
CA LEU C 300 21.02 27.94 -33.58
C LEU C 300 22.19 27.67 -32.63
N TYR C 301 22.52 26.40 -32.36
CA TYR C 301 23.67 26.07 -31.52
C TYR C 301 24.42 24.91 -32.14
N PRO C 302 25.09 25.14 -33.28
CA PRO C 302 25.83 24.04 -33.93
C PRO C 302 27.05 23.61 -33.15
N ASP C 303 27.45 24.40 -32.15
CA ASP C 303 28.59 23.99 -31.35
C ASP C 303 28.24 22.82 -30.47
N VAL C 304 26.94 22.59 -30.21
CA VAL C 304 26.46 21.46 -29.45
C VAL C 304 26.41 20.23 -30.35
N LYS C 305 27.34 19.29 -30.13
CA LYS C 305 27.37 18.04 -30.87
C LYS C 305 26.39 17.04 -30.22
N TYR C 306 25.18 16.94 -30.77
CA TYR C 306 24.18 16.13 -30.08
C TYR C 306 24.42 14.63 -30.28
N LYS C 307 24.05 13.86 -29.24
CA LYS C 307 24.15 12.41 -29.23
C LYS C 307 23.21 11.83 -30.28
N ARG C 308 23.78 11.13 -31.27
CA ARG C 308 22.92 10.52 -32.28
C ARG C 308 22.40 9.17 -31.77
N MET C 309 21.28 8.74 -32.34
CA MET C 309 20.55 7.64 -31.70
C MET C 309 21.36 6.34 -31.65
N ASP C 310 22.26 6.10 -32.61
CA ASP C 310 23.11 4.93 -32.46
C ASP C 310 24.10 5.10 -31.31
N ASP C 311 24.58 6.32 -31.06
CA ASP C 311 25.45 6.53 -29.90
C ASP C 311 24.69 6.38 -28.59
N TYR C 312 23.40 6.71 -28.57
CA TYR C 312 22.61 6.54 -27.36
C TYR C 312 22.41 5.07 -27.05
N LEU C 313 22.12 4.25 -28.08
CA LEU C 313 21.82 2.83 -27.88
C LEU C 313 23.07 1.99 -27.59
N ARG C 314 24.29 2.46 -27.92
CA ARG C 314 25.46 1.68 -27.52
C ARG C 314 25.67 1.64 -26.02
N MET C 315 24.95 2.47 -25.24
CA MET C 315 25.07 2.35 -23.79
C MET C 315 24.40 1.09 -23.23
N PHE C 316 23.56 0.39 -23.99
CA PHE C 316 22.86 -0.76 -23.42
C PHE C 316 23.51 -2.12 -23.74
N LEU C 317 24.43 -2.18 -24.71
CA LEU C 317 24.99 -3.48 -25.19
C LEU C 317 25.66 -4.32 -24.10
N LYS D 9 42.11 -8.55 -9.22
CA LYS D 9 41.70 -9.83 -9.78
C LYS D 9 40.71 -10.56 -8.87
N THR D 10 40.03 -9.81 -8.00
CA THR D 10 38.98 -10.35 -7.13
C THR D 10 37.64 -10.00 -7.75
N ARG D 11 36.81 -11.01 -7.99
CA ARG D 11 35.50 -10.79 -8.61
C ARG D 11 34.42 -10.72 -7.55
N VAL D 12 33.62 -9.66 -7.61
CA VAL D 12 32.55 -9.43 -6.64
C VAL D 12 31.24 -9.25 -7.39
N LEU D 13 30.18 -9.87 -6.89
CA LEU D 13 28.82 -9.62 -7.36
C LEU D 13 28.08 -8.85 -6.26
N VAL D 14 27.56 -7.67 -6.61
CA VAL D 14 26.76 -6.89 -5.68
C VAL D 14 25.29 -7.16 -5.94
N VAL D 15 24.54 -7.47 -4.88
CA VAL D 15 23.11 -7.72 -4.96
C VAL D 15 22.40 -6.63 -4.16
N GLY D 16 21.52 -5.88 -4.84
CA GLY D 16 20.95 -4.67 -4.28
C GLY D 16 21.74 -3.44 -4.64
N ALA D 17 22.31 -3.39 -5.84
CA ALA D 17 23.07 -2.22 -6.25
C ALA D 17 22.21 -0.95 -6.33
N THR D 18 20.88 -1.05 -6.25
CA THR D 18 20.03 0.14 -6.26
C THR D 18 19.75 0.69 -4.88
N GLY D 19 19.87 -0.15 -3.85
CA GLY D 19 19.75 0.29 -2.47
C GLY D 19 20.67 1.44 -2.12
N TYR D 20 20.50 2.02 -0.95
CA TYR D 20 21.20 3.26 -0.62
C TYR D 20 22.71 3.04 -0.49
N ILE D 21 23.14 2.14 0.39
CA ILE D 21 24.56 1.79 0.44
C ILE D 21 24.93 0.77 -0.64
N GLY D 22 23.94 0.11 -1.26
CA GLY D 22 24.24 -0.79 -2.36
C GLY D 22 24.98 -0.10 -3.51
N LYS D 23 24.53 1.10 -3.91
CA LYS D 23 25.21 1.81 -4.99
C LYS D 23 26.63 2.14 -4.60
N ARG D 24 26.83 2.46 -3.31
CA ARG D 24 28.14 2.97 -2.92
C ARG D 24 29.14 1.85 -2.84
N ILE D 25 28.68 0.65 -2.47
CA ILE D 25 29.54 -0.53 -2.45
C ILE D 25 29.97 -0.90 -3.87
N VAL D 26 29.04 -0.83 -4.84
CA VAL D 26 29.41 -1.04 -6.24
C VAL D 26 30.50 -0.07 -6.64
N ARG D 27 30.34 1.21 -6.30
CA ARG D 27 31.34 2.20 -6.67
C ARG D 27 32.62 2.00 -5.87
N ALA D 28 32.49 1.86 -4.55
CA ALA D 28 33.65 1.60 -3.70
C ALA D 28 34.46 0.43 -4.23
N CYS D 29 33.78 -0.51 -4.88
CA CYS D 29 34.43 -1.72 -5.37
C CYS D 29 35.29 -1.45 -6.59
N LEU D 30 34.72 -0.83 -7.64
CA LEU D 30 35.51 -0.45 -8.82
C LEU D 30 36.67 0.48 -8.46
N ALA D 31 36.45 1.37 -7.52
CA ALA D 31 37.51 2.25 -7.07
C ALA D 31 38.64 1.46 -6.44
N GLU D 32 38.32 0.32 -5.83
CA GLU D 32 39.32 -0.52 -5.19
C GLU D 32 40.04 -1.43 -6.18
N GLY D 33 39.49 -1.62 -7.38
CA GLY D 33 40.10 -2.47 -8.38
C GLY D 33 39.50 -3.84 -8.53
N HIS D 34 38.43 -4.16 -7.81
CA HIS D 34 37.75 -5.43 -8.00
C HIS D 34 37.05 -5.46 -9.35
N GLU D 35 36.85 -6.66 -9.89
CA GLU D 35 36.07 -6.84 -11.10
C GLU D 35 34.64 -7.08 -10.67
N THR D 36 33.81 -6.05 -10.75
CA THR D 36 32.52 -6.08 -10.07
C THR D 36 31.39 -6.37 -11.05
N TYR D 37 30.56 -7.31 -10.67
CA TYR D 37 29.31 -7.56 -11.36
C TYR D 37 28.17 -7.16 -10.43
N VAL D 38 27.13 -6.59 -11.02
CA VAL D 38 25.97 -6.16 -10.27
C VAL D 38 24.79 -6.89 -10.84
N LEU D 39 24.02 -7.52 -9.96
CA LEU D 39 22.85 -8.28 -10.36
C LEU D 39 21.78 -7.33 -10.82
N GLN D 40 21.30 -7.51 -12.05
CA GLN D 40 20.23 -6.70 -12.61
C GLN D 40 18.94 -7.52 -12.58
N ARG D 41 18.07 -7.21 -11.61
CA ARG D 41 16.79 -7.90 -11.50
C ARG D 41 15.78 -7.30 -12.47
N PRO D 42 14.64 -7.96 -12.67
CA PRO D 42 13.64 -7.42 -13.60
C PRO D 42 13.02 -6.10 -13.17
N GLU D 43 13.03 -5.79 -11.86
CA GLU D 43 12.56 -4.49 -11.37
C GLU D 43 13.20 -3.32 -12.11
N ILE D 44 14.53 -3.34 -12.25
CA ILE D 44 15.25 -2.34 -13.03
C ILE D 44 14.75 -2.35 -14.46
N GLY D 45 14.29 -1.21 -14.94
CA GLY D 45 13.76 -1.17 -16.28
C GLY D 45 12.31 -0.78 -16.34
N LEU D 46 11.64 -0.71 -15.20
CA LEU D 46 10.38 -0.01 -15.10
C LEU D 46 10.54 1.32 -14.39
N GLU D 47 11.71 1.59 -13.82
CA GLU D 47 12.00 2.81 -13.09
C GLU D 47 13.28 3.42 -13.67
N ILE D 48 13.19 4.66 -14.16
CA ILE D 48 14.27 5.18 -15.00
C ILE D 48 15.55 5.46 -14.20
N GLU D 49 15.44 5.81 -12.92
CA GLU D 49 16.66 6.07 -12.15
C GLU D 49 17.45 4.79 -11.93
N LYS D 50 16.77 3.65 -11.85
CA LYS D 50 17.47 2.37 -11.75
C LYS D 50 18.12 1.98 -13.08
N VAL D 51 17.41 2.19 -14.20
CA VAL D 51 18.03 2.06 -15.52
C VAL D 51 19.33 2.86 -15.58
N GLN D 52 19.23 4.17 -15.30
CA GLN D 52 20.39 5.03 -15.55
C GLN D 52 21.46 4.88 -14.50
N LEU D 53 21.07 4.54 -13.26
CA LEU D 53 22.09 4.23 -12.28
C LEU D 53 22.90 3.00 -12.70
N PHE D 54 22.20 2.00 -13.25
CA PHE D 54 22.89 0.84 -13.79
C PHE D 54 23.69 1.23 -15.02
N LEU D 55 23.17 2.17 -15.81
CA LEU D 55 23.95 2.70 -16.92
C LEU D 55 25.21 3.38 -16.41
N SER D 56 25.10 4.18 -15.34
CA SER D 56 26.28 4.83 -14.83
C SER D 56 27.28 3.80 -14.29
N PHE D 57 26.79 2.66 -13.81
CA PHE D 57 27.70 1.58 -13.42
C PHE D 57 28.51 1.10 -14.61
N LYS D 58 27.90 1.10 -15.80
CA LYS D 58 28.60 0.59 -16.97
C LYS D 58 29.69 1.55 -17.44
N LYS D 59 29.43 2.87 -17.46
CA LYS D 59 30.48 3.81 -17.86
C LYS D 59 31.69 3.66 -16.97
N LEU D 60 31.47 3.39 -15.68
CA LEU D 60 32.53 3.18 -14.72
C LEU D 60 33.17 1.80 -14.83
N GLY D 61 32.74 0.97 -15.78
CA GLY D 61 33.35 -0.33 -15.98
C GLY D 61 32.77 -1.54 -15.27
N ALA D 62 31.53 -1.49 -14.76
CA ALA D 62 30.96 -2.67 -14.11
C ALA D 62 30.37 -3.61 -15.16
N ARG D 63 30.03 -4.82 -14.72
CA ARG D 63 29.48 -5.83 -15.62
C ARG D 63 28.11 -6.26 -15.14
N ILE D 64 27.13 -6.17 -16.01
CA ILE D 64 25.74 -6.44 -15.67
C ILE D 64 25.51 -7.94 -15.76
N VAL D 65 24.70 -8.46 -14.85
CA VAL D 65 24.34 -9.87 -14.82
C VAL D 65 22.85 -9.95 -14.52
N GLU D 66 22.08 -10.40 -15.51
CA GLU D 66 20.65 -10.54 -15.29
C GLU D 66 20.37 -11.72 -14.37
N GLY D 67 19.34 -11.58 -13.54
CA GLY D 67 18.98 -12.57 -12.55
C GLY D 67 17.68 -12.21 -11.88
N SER D 68 17.13 -13.17 -11.15
CA SER D 68 15.87 -12.99 -10.44
C SER D 68 15.86 -13.89 -9.21
N PHE D 69 15.21 -13.42 -8.15
CA PHE D 69 15.13 -14.19 -6.91
C PHE D 69 14.09 -15.31 -6.98
N SER D 70 13.21 -15.29 -7.96
CA SER D 70 12.25 -16.34 -8.20
C SER D 70 12.77 -17.43 -9.12
N ASP D 71 13.99 -17.28 -9.66
CA ASP D 71 14.62 -18.18 -10.61
C ASP D 71 15.88 -18.71 -9.95
N HIS D 72 15.78 -19.90 -9.34
CA HIS D 72 16.83 -20.35 -8.43
C HIS D 72 18.20 -20.43 -9.12
N GLN D 73 18.26 -20.79 -10.40
CA GLN D 73 19.55 -21.00 -11.03
C GLN D 73 20.08 -19.77 -11.75
N SER D 74 19.23 -18.79 -12.05
CA SER D 74 19.75 -17.46 -12.38
C SER D 74 20.66 -16.95 -11.28
N LEU D 75 20.28 -17.22 -10.02
CA LEU D 75 21.12 -16.84 -8.90
C LEU D 75 22.37 -17.72 -8.80
N VAL D 76 22.24 -19.02 -9.04
CA VAL D 76 23.44 -19.86 -9.01
C VAL D 76 24.39 -19.46 -10.13
N SER D 77 23.88 -19.25 -11.35
CA SER D 77 24.79 -18.91 -12.44
C SER D 77 25.43 -17.55 -12.20
N ALA D 78 24.66 -16.57 -11.70
CA ALA D 78 25.26 -15.28 -11.36
C ALA D 78 26.27 -15.44 -10.23
N VAL D 79 25.98 -16.26 -9.23
CA VAL D 79 26.90 -16.42 -8.11
C VAL D 79 28.17 -17.18 -8.51
N LYS D 80 28.06 -18.15 -9.42
CA LYS D 80 29.22 -18.90 -9.92
C LYS D 80 30.18 -18.04 -10.74
N LEU D 81 29.85 -16.78 -10.99
CA LEU D 81 30.74 -15.95 -11.80
C LEU D 81 31.84 -15.29 -10.98
N VAL D 82 31.74 -15.31 -9.63
CA VAL D 82 32.58 -14.48 -8.76
C VAL D 82 33.11 -15.31 -7.60
N ASP D 83 34.02 -14.68 -6.85
CA ASP D 83 34.61 -15.22 -5.62
C ASP D 83 33.95 -14.70 -4.35
N VAL D 84 33.41 -13.48 -4.39
CA VAL D 84 32.74 -12.87 -3.26
C VAL D 84 31.41 -12.28 -3.72
N VAL D 85 30.36 -12.48 -2.93
CA VAL D 85 29.04 -11.87 -3.16
C VAL D 85 28.70 -10.98 -1.96
N VAL D 86 28.33 -9.74 -2.24
CA VAL D 86 27.94 -8.77 -1.22
C VAL D 86 26.48 -8.44 -1.43
N SER D 87 25.70 -8.49 -0.36
CA SER D 87 24.28 -8.22 -0.43
C SER D 87 23.99 -7.00 0.42
N ALA D 88 23.24 -6.03 -0.17
CA ALA D 88 22.93 -4.74 0.47
C ALA D 88 21.45 -4.40 0.20
N MET D 89 20.55 -5.00 0.99
CA MET D 89 19.11 -4.92 0.75
C MET D 89 18.49 -3.93 1.74
N SER D 90 18.27 -2.69 1.28
CA SER D 90 17.78 -1.60 2.14
C SER D 90 16.26 -1.43 2.02
N SER D 96 8.13 -5.33 4.94
CA SER D 96 9.11 -5.51 3.88
C SER D 96 9.40 -7.01 3.68
N HIS D 97 10.30 -7.32 2.75
CA HIS D 97 10.85 -8.67 2.60
C HIS D 97 12.28 -8.65 2.08
N ASN D 98 12.90 -7.46 1.96
CA ASN D 98 14.27 -7.25 1.52
C ASN D 98 15.25 -8.22 2.17
N ILE D 99 15.02 -8.53 3.45
CA ILE D 99 16.02 -9.26 4.25
C ILE D 99 16.02 -10.75 3.92
N LEU D 100 14.86 -11.40 4.06
CA LEU D 100 14.82 -12.86 4.06
C LEU D 100 14.89 -13.45 2.67
N VAL D 101 14.69 -12.66 1.62
CA VAL D 101 14.99 -13.18 0.29
C VAL D 101 16.49 -13.43 0.17
N GLN D 102 17.30 -12.89 1.09
CA GLN D 102 18.69 -13.29 1.10
C GLN D 102 18.84 -14.80 1.27
N LEU D 103 17.85 -15.47 1.89
CA LEU D 103 17.88 -16.92 2.04
C LEU D 103 17.87 -17.62 0.69
N LYS D 104 17.11 -17.09 -0.29
CA LYS D 104 17.19 -17.66 -1.64
C LYS D 104 18.60 -17.55 -2.20
N LEU D 105 19.25 -16.42 -1.93
CA LEU D 105 20.64 -16.25 -2.34
C LEU D 105 21.58 -17.20 -1.60
N VAL D 106 21.28 -17.55 -0.33
CA VAL D 106 22.26 -18.34 0.43
C VAL D 106 22.36 -19.76 -0.12
N GLU D 107 21.23 -20.37 -0.48
CA GLU D 107 21.29 -21.69 -1.11
C GLU D 107 21.69 -21.61 -2.58
N ALA D 108 21.33 -20.53 -3.27
CA ALA D 108 21.95 -20.25 -4.56
C ALA D 108 23.48 -20.20 -4.45
N ILE D 109 23.99 -19.90 -3.25
CA ILE D 109 25.43 -19.92 -3.00
C ILE D 109 25.89 -21.28 -2.49
N LYS D 110 25.04 -21.98 -1.73
CA LYS D 110 25.43 -23.29 -1.16
C LYS D 110 25.47 -24.36 -2.24
N GLU D 111 24.46 -24.39 -3.11
CA GLU D 111 24.54 -25.19 -4.31
C GLU D 111 25.70 -24.75 -5.22
N ALA D 112 26.23 -23.53 -5.03
CA ALA D 112 27.20 -23.00 -5.97
C ALA D 112 28.64 -23.43 -5.66
N GLY D 113 28.98 -23.54 -4.37
CA GLY D 113 30.32 -23.94 -3.95
C GLY D 113 31.44 -23.01 -4.37
N ASN D 114 31.19 -22.17 -5.37
CA ASN D 114 32.19 -21.31 -5.98
C ASN D 114 32.57 -20.09 -5.13
N VAL D 115 32.01 -19.92 -3.93
CA VAL D 115 32.06 -18.64 -3.24
C VAL D 115 32.97 -18.75 -2.03
N LYS D 116 34.02 -17.93 -2.00
CA LYS D 116 34.95 -17.88 -0.87
C LYS D 116 34.51 -16.94 0.23
N ARG D 117 33.69 -15.93 -0.08
CA ARG D 117 33.12 -15.10 0.99
C ARG D 117 31.82 -14.45 0.54
N PHE D 118 30.84 -14.47 1.45
CA PHE D 118 29.59 -13.77 1.31
C PHE D 118 29.44 -12.75 2.44
N LEU D 119 29.06 -11.52 2.09
CA LEU D 119 28.74 -10.48 3.07
C LEU D 119 27.27 -10.11 2.97
N PRO D 120 26.43 -10.51 3.92
CA PRO D 120 25.02 -10.15 3.88
C PRO D 120 24.75 -8.71 4.34
N SER D 121 23.50 -8.29 4.10
CA SER D 121 22.99 -6.96 4.42
C SER D 121 22.97 -6.74 5.92
N GLU D 122 24.04 -6.12 6.46
CA GLU D 122 24.21 -6.07 7.90
C GLU D 122 24.47 -4.66 8.43
N PHE D 123 24.53 -3.67 7.56
CA PHE D 123 25.36 -2.49 7.81
C PHE D 123 24.71 -1.57 8.85
N GLY D 124 24.64 -2.08 10.06
CA GLY D 124 23.83 -1.45 11.08
C GLY D 124 24.30 -1.84 12.45
N MET D 125 23.36 -1.82 13.41
CA MET D 125 23.68 -2.35 14.73
C MET D 125 23.90 -3.85 14.64
N ASP D 126 24.66 -4.36 15.61
CA ASP D 126 25.07 -5.76 15.75
C ASP D 126 23.91 -6.61 16.30
N PRO D 127 23.36 -7.52 15.50
CA PRO D 127 22.08 -8.19 15.87
C PRO D 127 22.20 -9.17 17.03
N PRO D 128 23.34 -9.90 17.24
CA PRO D 128 23.40 -10.84 18.37
C PRO D 128 23.48 -10.16 19.73
N ARG D 129 23.37 -8.83 19.76
CA ARG D 129 23.37 -8.08 21.00
C ARG D 129 22.16 -7.20 21.14
N MET D 130 21.25 -7.25 20.18
CA MET D 130 19.96 -6.62 20.30
C MET D 130 19.00 -7.54 21.04
N GLY D 131 19.53 -8.32 21.97
CA GLY D 131 18.78 -9.26 22.76
C GLY D 131 17.72 -8.67 23.67
N HIS D 132 17.49 -7.35 23.60
CA HIS D 132 16.46 -6.69 24.41
C HIS D 132 15.39 -5.95 23.61
N ALA D 133 15.57 -5.75 22.30
CA ALA D 133 14.64 -4.93 21.52
C ALA D 133 13.28 -5.59 21.39
N LEU D 134 12.25 -4.84 21.66
CA LEU D 134 11.01 -5.59 21.62
C LEU D 134 10.26 -5.30 20.33
N PRO D 135 9.20 -6.09 20.02
CA PRO D 135 8.50 -5.79 18.76
C PRO D 135 7.88 -4.40 18.77
N PRO D 136 7.76 -3.76 17.59
CA PRO D 136 8.08 -4.37 16.30
C PRO D 136 9.52 -4.10 15.82
N GLY D 137 10.36 -3.55 16.70
CA GLY D 137 11.74 -3.29 16.31
C GLY D 137 12.60 -4.54 16.19
N ARG D 138 12.28 -5.58 16.95
CA ARG D 138 13.09 -6.80 16.99
C ARG D 138 13.21 -7.45 15.61
N GLU D 139 12.16 -7.37 14.80
CA GLU D 139 12.10 -8.08 13.51
C GLU D 139 13.36 -7.97 12.68
N THR D 140 13.80 -6.74 12.33
CA THR D 140 15.04 -6.65 11.55
C THR D 140 16.21 -7.36 12.25
N PHE D 141 16.26 -7.36 13.58
CA PHE D 141 17.32 -8.10 14.25
C PHE D 141 17.13 -9.61 14.07
N ASP D 142 15.94 -10.14 14.39
CA ASP D 142 15.67 -11.58 14.23
C ASP D 142 16.00 -12.07 12.82
N GLN D 143 15.56 -11.31 11.80
CA GLN D 143 15.66 -11.82 10.42
C GLN D 143 17.09 -11.78 9.91
N LYS D 144 17.87 -10.77 10.30
CA LYS D 144 19.30 -10.83 10.02
C LYS D 144 19.92 -12.02 10.76
N MET D 145 19.51 -12.25 12.00
CA MET D 145 19.95 -13.43 12.76
C MET D 145 19.54 -14.73 12.06
N GLU D 146 18.29 -14.80 11.56
CA GLU D 146 17.86 -15.89 10.69
C GLU D 146 18.85 -16.11 9.54
N VAL D 147 19.25 -15.03 8.85
CA VAL D 147 20.16 -15.12 7.70
C VAL D 147 21.55 -15.52 8.15
N ARG D 148 21.99 -15.00 9.30
CA ARG D 148 23.28 -15.41 9.84
C ARG D 148 23.32 -16.92 10.08
N GLN D 149 22.31 -17.45 10.79
CA GLN D 149 22.28 -18.86 11.16
C GLN D 149 22.12 -19.77 9.94
N ALA D 150 21.55 -19.29 8.84
CA ALA D 150 21.58 -20.03 7.58
C ALA D 150 22.97 -20.01 6.95
N ILE D 151 23.65 -18.85 6.98
CA ILE D 151 24.93 -18.72 6.30
C ILE D 151 25.95 -19.69 6.92
N GLU D 152 26.01 -19.77 8.26
CA GLU D 152 26.93 -20.68 8.93
C GLU D 152 26.39 -22.12 9.00
N ALA D 153 25.07 -22.31 8.84
CA ALA D 153 24.56 -23.67 8.69
C ALA D 153 25.09 -24.30 7.42
N ALA D 154 24.90 -23.61 6.29
CA ALA D 154 25.43 -24.03 5.00
C ALA D 154 26.96 -24.03 4.94
N GLY D 155 27.63 -23.59 6.01
CA GLY D 155 29.07 -23.50 6.03
C GLY D 155 29.66 -22.52 5.05
N ILE D 156 28.89 -21.52 4.61
CA ILE D 156 29.40 -20.48 3.70
C ILE D 156 30.30 -19.53 4.47
N PRO D 157 31.46 -19.12 3.92
CA PRO D 157 32.33 -18.18 4.64
C PRO D 157 31.77 -16.76 4.60
N TYR D 158 31.86 -16.07 5.73
CA TYR D 158 31.15 -14.80 5.89
C TYR D 158 32.08 -13.68 6.33
N THR D 159 31.55 -12.47 6.22
CA THR D 159 32.04 -11.28 6.92
C THR D 159 30.84 -10.39 7.19
N TYR D 160 30.62 -10.05 8.46
CA TYR D 160 29.54 -9.14 8.85
C TYR D 160 30.11 -7.75 9.11
N VAL D 161 29.54 -6.74 8.46
CA VAL D 161 30.05 -5.38 8.57
C VAL D 161 29.02 -4.58 9.35
N VAL D 162 29.38 -4.18 10.59
CA VAL D 162 28.42 -3.64 11.55
C VAL D 162 29.00 -2.46 12.31
N GLY D 163 28.11 -1.72 12.99
CA GLY D 163 28.52 -0.90 14.11
C GLY D 163 28.42 0.61 13.98
N ALA D 164 27.96 1.17 12.86
CA ALA D 164 27.96 2.61 12.68
C ALA D 164 26.64 3.15 12.14
N CYS D 165 26.12 4.21 12.77
CA CYS D 165 25.05 5.01 12.18
C CYS D 165 25.49 5.62 10.85
N PHE D 166 24.58 5.60 9.86
CA PHE D 166 24.79 6.31 8.60
C PHE D 166 24.74 7.82 8.82
N ALA D 167 25.70 8.53 8.24
CA ALA D 167 25.83 9.96 8.50
C ALA D 167 24.61 10.72 8.00
N ALA D 168 24.06 10.29 6.87
CA ALA D 168 22.99 11.04 6.24
C ALA D 168 21.64 10.82 6.90
N TYR D 169 21.52 9.87 7.83
CA TYR D 169 20.28 9.69 8.55
C TYR D 169 20.36 10.09 10.00
N PHE D 170 21.57 10.25 10.53
CA PHE D 170 21.73 10.55 11.94
C PHE D 170 22.67 11.71 12.22
N ALA D 171 23.41 12.20 11.23
CA ALA D 171 24.37 13.28 11.42
C ALA D 171 23.98 14.57 10.71
N GLY D 172 23.78 14.52 9.38
CA GLY D 172 23.34 15.71 8.67
C GLY D 172 22.09 16.37 9.22
N ASN D 173 21.24 15.62 9.93
CA ASN D 173 20.05 16.20 10.55
C ASN D 173 20.22 16.44 12.04
N LEU D 174 21.41 16.20 12.58
CA LEU D 174 21.67 16.32 14.00
C LEU D 174 20.75 15.39 14.79
N SER D 175 20.56 14.19 14.24
CA SER D 175 19.81 13.11 14.88
C SER D 175 18.37 13.49 15.18
N GLN D 176 17.85 14.49 14.46
CA GLN D 176 16.41 14.76 14.48
C GLN D 176 15.70 13.77 13.56
N MET D 177 14.44 13.47 13.88
CA MET D 177 13.79 12.34 13.22
C MET D 177 13.01 12.70 11.96
N VAL D 178 12.50 13.93 11.82
CA VAL D 178 11.52 14.19 10.76
C VAL D 178 12.15 14.58 9.43
N THR D 179 13.42 14.96 9.41
CA THR D 179 14.00 15.61 8.24
C THR D 179 15.44 15.12 8.05
N LEU D 180 15.95 15.32 6.84
CA LEU D 180 17.33 14.94 6.51
C LEU D 180 18.26 16.17 6.43
N LEU D 181 17.85 17.28 7.02
CA LEU D 181 18.60 18.51 6.96
C LEU D 181 18.86 19.02 8.37
N PRO D 182 19.90 19.83 8.55
CA PRO D 182 20.15 20.41 9.87
C PRO D 182 19.04 21.35 10.23
N PRO D 183 18.74 21.49 11.51
CA PRO D 183 17.58 22.29 11.93
C PRO D 183 17.95 23.76 12.00
N LYS D 184 16.97 24.61 11.69
CA LYS D 184 17.29 26.02 11.49
C LYS D 184 17.44 26.78 12.81
N GLU D 185 16.63 26.42 13.82
CA GLU D 185 16.65 27.11 15.10
C GLU D 185 16.54 26.21 16.33
N LYS D 186 15.81 25.10 16.29
CA LYS D 186 15.57 24.30 17.48
C LYS D 186 16.02 22.86 17.25
N VAL D 187 16.52 22.25 18.33
CA VAL D 187 17.03 20.89 18.32
C VAL D 187 16.47 20.17 19.54
N ASN D 188 16.16 18.89 19.37
CA ASN D 188 15.89 18.01 20.49
C ASN D 188 17.15 17.24 20.87
N ILE D 189 17.40 17.16 22.18
CA ILE D 189 18.52 16.41 22.72
C ILE D 189 17.96 15.22 23.48
N TYR D 190 18.37 14.02 23.07
CA TYR D 190 17.87 12.82 23.72
C TYR D 190 18.61 12.60 25.02
N GLY D 191 17.87 12.56 26.14
CA GLY D 191 18.53 12.46 27.42
C GLY D 191 19.28 13.74 27.70
N ASP D 192 20.34 13.66 28.49
CA ASP D 192 21.15 14.86 28.67
C ASP D 192 22.15 15.08 27.54
N GLY D 193 22.11 14.26 26.50
CA GLY D 193 22.97 14.41 25.36
C GLY D 193 24.27 13.67 25.45
N ASN D 194 24.48 12.92 26.53
CA ASN D 194 25.79 12.36 26.89
C ASN D 194 26.15 11.07 26.17
N VAL D 195 25.19 10.34 25.60
CA VAL D 195 25.40 8.97 25.15
C VAL D 195 26.13 8.99 23.82
N LYS D 196 27.17 8.15 23.70
CA LYS D 196 28.12 8.20 22.59
C LYS D 196 27.67 7.29 21.46
N VAL D 197 27.56 7.87 20.27
CA VAL D 197 27.11 7.18 19.05
C VAL D 197 28.28 7.12 18.06
N VAL D 198 28.19 6.19 17.12
CA VAL D 198 29.22 6.00 16.11
C VAL D 198 28.65 6.44 14.77
N PHE D 199 29.22 7.50 14.19
CA PHE D 199 28.77 8.04 12.91
C PHE D 199 29.77 7.70 11.82
N ALA D 200 29.28 7.40 10.62
CA ALA D 200 30.18 7.04 9.54
C ALA D 200 29.62 7.53 8.22
N ASP D 201 30.48 8.13 7.41
CA ASP D 201 30.05 8.48 6.07
C ASP D 201 29.72 7.20 5.31
N GLU D 202 28.57 7.22 4.61
CA GLU D 202 28.14 6.06 3.86
C GLU D 202 29.18 5.67 2.81
N ASP D 203 29.81 6.68 2.20
CA ASP D 203 30.92 6.47 1.26
C ASP D 203 32.08 5.74 1.94
N ASP D 204 32.34 6.05 3.20
CA ASP D 204 33.41 5.34 3.90
C ASP D 204 32.98 3.93 4.32
N ILE D 205 31.70 3.72 4.64
CA ILE D 205 31.24 2.37 4.97
C ILE D 205 31.45 1.45 3.78
N ALA D 206 31.15 1.94 2.58
CA ALA D 206 31.38 1.14 1.38
C ALA D 206 32.86 0.94 1.12
N LYS D 207 33.71 1.95 1.40
CA LYS D 207 35.13 1.79 1.12
C LYS D 207 35.74 0.73 2.02
N TYR D 208 35.31 0.68 3.28
CA TYR D 208 35.74 -0.40 4.16
C TYR D 208 35.26 -1.74 3.66
N THR D 209 33.98 -1.83 3.27
CA THR D 209 33.42 -3.09 2.80
C THR D 209 34.11 -3.56 1.53
N ALA D 210 34.66 -2.65 0.72
CA ALA D 210 35.40 -3.10 -0.43
C ALA D 210 36.80 -3.56 -0.05
N LYS D 211 37.38 -2.99 0.99
CA LYS D 211 38.73 -3.41 1.38
C LYS D 211 38.68 -4.66 2.24
N THR D 212 37.58 -4.90 2.94
CA THR D 212 37.48 -6.04 3.87
C THR D 212 37.18 -7.36 3.18
N LEU D 213 36.70 -7.33 1.95
CA LEU D 213 36.05 -8.52 1.43
C LEU D 213 37.04 -9.55 0.91
N ASN D 214 38.26 -9.14 0.54
CA ASN D 214 39.31 -10.09 0.18
C ASN D 214 40.44 -10.15 1.20
N ASP D 215 40.38 -9.35 2.27
CA ASP D 215 41.50 -9.30 3.23
C ASP D 215 41.37 -10.43 4.21
N PRO D 216 42.40 -11.27 4.37
CA PRO D 216 42.24 -12.51 5.14
C PRO D 216 41.94 -12.30 6.61
N ARG D 217 42.26 -11.13 7.15
CA ARG D 217 42.06 -10.89 8.57
C ARG D 217 40.60 -10.81 9.00
N THR D 218 39.64 -10.73 8.07
CA THR D 218 38.23 -10.59 8.40
C THR D 218 37.39 -11.76 7.89
N LEU D 219 37.99 -12.75 7.27
CA LEU D 219 37.29 -13.95 6.86
C LEU D 219 36.62 -14.59 8.06
N ASN D 220 35.30 -14.68 8.03
CA ASN D 220 34.46 -15.22 9.11
C ASN D 220 34.56 -14.43 10.42
N LYS D 221 35.04 -13.20 10.40
CA LYS D 221 34.97 -12.34 11.57
C LYS D 221 33.85 -11.32 11.43
N THR D 222 33.42 -10.77 12.57
CA THR D 222 32.48 -9.65 12.59
C THR D 222 33.29 -8.35 12.66
N VAL D 223 33.06 -7.47 11.69
CA VAL D 223 33.89 -6.28 11.46
C VAL D 223 33.18 -5.06 12.02
N ASN D 224 33.83 -4.36 12.93
CA ASN D 224 33.25 -3.13 13.46
C ASN D 224 33.75 -1.95 12.62
N ILE D 225 32.82 -1.11 12.19
CA ILE D 225 33.15 0.17 11.57
C ILE D 225 32.92 1.20 12.66
N ARG D 226 33.98 1.56 13.36
CA ARG D 226 33.89 2.45 14.52
C ARG D 226 35.11 3.37 14.56
N PRO D 227 35.17 4.36 13.67
CA PRO D 227 36.32 5.29 13.65
C PRO D 227 36.27 6.25 14.82
N PRO D 228 37.39 6.42 15.52
CA PRO D 228 37.34 7.09 16.85
C PRO D 228 36.85 8.53 16.83
N ASP D 229 37.43 9.37 15.95
CA ASP D 229 37.02 10.77 15.84
C ASP D 229 35.54 10.95 15.51
N ASN D 230 34.82 9.87 15.29
CA ASN D 230 33.41 9.95 15.02
C ASN D 230 32.56 9.47 16.20
N VAL D 231 33.16 8.83 17.20
CA VAL D 231 32.44 8.44 18.38
C VAL D 231 32.04 9.70 19.13
N LEU D 232 30.85 10.21 18.82
CA LEU D 232 30.40 11.51 19.28
C LEU D 232 29.13 11.35 20.10
N THR D 233 29.02 12.11 21.20
CA THR D 233 27.71 12.21 21.81
C THR D 233 26.84 13.10 20.95
N GLN D 234 25.52 12.96 21.11
CA GLN D 234 24.63 13.74 20.27
C GLN D 234 24.81 15.23 20.50
N LEU D 235 25.21 15.63 21.73
CA LEU D 235 25.42 17.04 22.04
C LEU D 235 26.74 17.53 21.45
N GLU D 236 27.83 16.77 21.66
CA GLU D 236 29.06 16.95 20.89
C GLU D 236 28.78 17.21 19.41
N LEU D 237 27.94 16.37 18.78
CA LEU D 237 27.64 16.56 17.36
C LEU D 237 26.91 17.87 17.11
N VAL D 238 25.99 18.24 18.00
CA VAL D 238 25.25 19.48 17.84
C VAL D 238 26.17 20.69 17.96
N GLN D 239 27.21 20.59 18.81
CA GLN D 239 28.08 21.74 19.03
C GLN D 239 28.95 22.01 17.81
N ILE D 240 29.45 20.96 17.17
CA ILE D 240 30.11 21.10 15.88
C ILE D 240 29.29 22.00 14.97
N TRP D 241 28.01 21.65 14.78
CA TRP D 241 27.15 22.49 13.96
C TRP D 241 27.15 23.94 14.48
N GLU D 242 27.04 24.12 15.80
CA GLU D 242 26.97 25.48 16.34
C GLU D 242 28.24 26.27 16.01
N LYS D 243 29.41 25.64 16.15
CA LYS D 243 30.66 26.28 15.75
C LYS D 243 30.69 26.57 14.25
N LEU D 244 30.38 25.57 13.40
CA LEU D 244 30.36 25.79 11.95
C LEU D 244 29.52 27.00 11.55
N THR D 245 28.36 27.17 12.21
CA THR D 245 27.42 28.21 11.88
C THR D 245 27.59 29.46 12.74
N GLY D 246 28.25 29.36 13.89
CA GLY D 246 28.43 30.53 14.73
C GLY D 246 27.21 30.98 15.49
N LYS D 247 26.05 30.37 15.24
CA LYS D 247 24.84 30.53 16.04
C LYS D 247 24.77 29.39 17.09
N GLU D 248 23.82 29.51 18.00
CA GLU D 248 23.61 28.51 19.04
C GLU D 248 22.18 28.01 18.97
N LEU D 249 22.00 26.70 18.78
CA LEU D 249 20.67 26.14 18.66
C LEU D 249 20.00 26.06 20.04
N GLU D 250 18.69 26.32 20.06
CA GLU D 250 17.91 26.18 21.31
C GLU D 250 17.66 24.69 21.57
N LYS D 251 18.22 24.18 22.66
CA LYS D 251 18.23 22.76 22.99
C LYS D 251 17.08 22.41 23.95
N THR D 252 16.26 21.42 23.60
CA THR D 252 15.24 20.92 24.49
C THR D 252 15.47 19.44 24.76
N ASN D 253 15.71 19.10 26.04
CA ASN D 253 15.98 17.72 26.43
C ASN D 253 14.68 16.93 26.58
N ILE D 254 14.75 15.65 26.25
CA ILE D 254 13.60 14.76 26.24
C ILE D 254 13.97 13.53 27.06
N ALA D 255 13.35 13.39 28.23
CA ALA D 255 13.67 12.25 29.09
C ALA D 255 13.19 10.94 28.44
N ALA D 256 13.95 9.86 28.69
CA ALA D 256 13.68 8.58 28.01
C ALA D 256 12.21 8.20 28.10
N GLN D 257 11.65 8.28 29.31
CA GLN D 257 10.23 7.96 29.51
C GLN D 257 9.32 8.84 28.67
N ASP D 258 9.63 10.13 28.55
CA ASP D 258 8.79 10.96 27.70
C ASP D 258 8.96 10.58 26.23
N PHE D 259 10.17 10.15 25.84
CA PHE D 259 10.43 9.79 24.45
C PHE D 259 9.59 8.59 24.04
N LEU D 260 9.45 7.61 24.93
CA LEU D 260 8.73 6.36 24.66
C LEU D 260 7.24 6.43 24.99
N ALA D 261 6.81 7.44 25.75
CA ALA D 261 5.44 7.61 26.19
C ALA D 261 4.45 7.31 25.08
N ASN D 262 3.58 6.33 25.33
CA ASN D 262 2.51 5.93 24.41
C ASN D 262 3.05 5.42 23.08
N ILE D 263 4.20 4.73 23.12
CA ILE D 263 4.69 4.11 21.89
C ILE D 263 3.69 3.10 21.35
N GLU D 264 2.83 2.56 22.23
CA GLU D 264 1.90 1.50 21.84
C GLU D 264 0.82 1.96 20.86
N GLN D 265 0.46 3.26 20.84
CA GLN D 265 -0.58 3.81 19.96
C GLN D 265 -0.05 4.46 18.68
N MET D 266 1.15 4.10 18.22
CA MET D 266 1.93 5.10 17.50
C MET D 266 1.89 5.01 15.99
N GLU D 267 1.59 3.83 15.42
CA GLU D 267 1.67 3.50 14.00
C GLU D 267 2.98 2.79 13.71
N ILE D 268 2.91 1.46 13.69
CA ILE D 268 4.00 0.48 13.63
C ILE D 268 5.34 0.97 13.06
N PRO D 269 5.42 1.54 11.85
CA PRO D 269 6.72 2.06 11.39
C PRO D 269 7.36 3.02 12.36
N HIS D 270 6.54 3.92 12.93
CA HIS D 270 7.06 4.90 13.87
C HIS D 270 7.60 4.24 15.13
N GLN D 271 6.94 3.18 15.61
CA GLN D 271 7.47 2.49 16.78
C GLN D 271 8.80 1.83 16.46
N ALA D 272 8.93 1.29 15.25
CA ALA D 272 10.23 0.81 14.81
C ALA D 272 11.28 1.88 14.98
N GLY D 273 11.04 3.07 14.41
CA GLY D 273 12.03 4.12 14.47
C GLY D 273 12.27 4.66 15.88
N ILE D 274 11.20 4.87 16.65
CA ILE D 274 11.37 5.23 18.04
C ILE D 274 12.27 4.22 18.73
N GLY D 275 12.01 2.94 18.49
CA GLY D 275 12.81 1.92 19.14
C GLY D 275 14.26 1.91 18.70
N HIS D 276 14.51 2.19 17.42
CA HIS D 276 15.89 2.17 16.94
C HIS D 276 16.62 3.44 17.34
N PHE D 277 15.95 4.59 17.31
CA PHE D 277 16.53 5.75 17.96
C PHE D 277 16.78 5.47 19.43
N TYR D 278 15.83 4.83 20.10
CA TYR D 278 16.02 4.58 21.52
C TYR D 278 17.24 3.71 21.75
N HIS D 279 17.48 2.74 20.87
CA HIS D 279 18.59 1.82 21.06
C HIS D 279 19.90 2.58 21.01
N ILE D 280 19.98 3.58 20.15
CA ILE D 280 21.24 4.23 19.79
C ILE D 280 21.57 5.41 20.72
N PHE D 281 20.61 6.28 21.00
CA PHE D 281 20.87 7.52 21.72
C PHE D 281 20.52 7.46 23.19
N TYR D 282 19.67 6.53 23.60
CA TYR D 282 19.44 6.35 25.03
C TYR D 282 20.24 5.16 25.56
N GLU D 283 20.06 3.99 24.94
CA GLU D 283 20.75 2.78 25.37
C GLU D 283 22.24 2.82 25.03
N GLY D 284 22.61 3.54 23.96
CA GLY D 284 23.97 3.53 23.45
C GLY D 284 24.45 2.18 22.98
N CYS D 285 23.72 1.55 22.05
CA CYS D 285 24.02 0.19 21.59
C CYS D 285 25.26 0.10 20.71
N LEU D 286 25.80 1.22 20.28
CA LEU D 286 26.99 1.20 19.44
C LEU D 286 28.28 1.43 20.23
N THR D 287 28.18 1.81 21.51
CA THR D 287 29.34 2.08 22.33
C THR D 287 29.32 1.44 23.72
N ASP D 288 28.30 0.63 24.07
CA ASP D 288 28.24 -0.02 25.38
C ASP D 288 29.20 -1.19 25.53
N HIS D 289 29.87 -1.58 24.45
CA HIS D 289 30.88 -2.63 24.44
C HIS D 289 32.15 -2.10 23.82
N GLU D 290 33.28 -2.69 24.19
CA GLU D 290 34.52 -2.30 23.54
C GLU D 290 34.93 -3.33 22.49
N VAL D 291 35.83 -2.91 21.59
CA VAL D 291 36.39 -3.73 20.53
C VAL D 291 37.86 -3.38 20.35
N GLY D 292 38.59 -4.26 19.67
CA GLY D 292 40.01 -4.11 19.47
C GLY D 292 40.38 -3.85 18.02
N GLU D 293 41.68 -3.53 17.83
CA GLU D 293 42.16 -3.09 16.51
C GLU D 293 42.17 -4.20 15.49
N ASP D 294 42.17 -5.47 15.90
CA ASP D 294 42.15 -6.56 14.93
C ASP D 294 40.78 -6.74 14.27
N GLU D 295 39.72 -6.20 14.89
CA GLU D 295 38.35 -6.40 14.43
C GLU D 295 37.62 -5.09 14.14
N GLU D 296 38.34 -3.98 13.94
CA GLU D 296 37.73 -2.67 13.79
C GLU D 296 38.27 -1.97 12.54
N ALA D 297 37.37 -1.45 11.70
CA ALA D 297 37.67 -1.25 10.29
C ALA D 297 38.72 -0.15 10.06
N SER D 298 38.65 0.96 10.78
CA SER D 298 39.56 2.06 10.47
C SER D 298 41.00 1.73 10.80
N SER D 299 41.22 0.88 11.82
CA SER D 299 42.57 0.43 12.14
C SER D 299 43.09 -0.65 11.18
N LEU D 300 42.23 -1.57 10.74
CA LEU D 300 42.69 -2.56 9.77
C LEU D 300 43.08 -1.91 8.44
N TYR D 301 42.40 -0.84 8.06
CA TYR D 301 42.64 -0.10 6.81
C TYR D 301 42.84 1.35 7.20
N PRO D 302 44.06 1.75 7.57
CA PRO D 302 44.29 3.15 7.91
C PRO D 302 44.60 4.02 6.71
N ASP D 303 44.77 3.42 5.54
CA ASP D 303 45.01 4.18 4.32
C ASP D 303 43.74 4.81 3.76
N VAL D 304 42.66 4.84 4.53
CA VAL D 304 41.40 5.44 4.12
C VAL D 304 41.17 6.63 5.02
N LYS D 305 41.36 7.81 4.45
CA LYS D 305 41.07 9.04 5.16
C LYS D 305 39.55 9.13 5.30
N TYR D 306 39.01 8.67 6.43
CA TYR D 306 37.57 8.70 6.63
C TYR D 306 37.12 10.11 7.00
N LYS D 307 35.94 10.49 6.53
CA LYS D 307 35.43 11.84 6.69
C LYS D 307 34.93 12.07 8.11
N ARG D 308 35.50 13.05 8.80
CA ARG D 308 35.02 13.39 10.13
C ARG D 308 33.67 14.09 10.02
N MET D 309 32.99 14.29 11.16
CA MET D 309 31.62 14.77 11.09
C MET D 309 31.53 16.28 10.90
N ASP D 310 32.57 17.04 11.27
CA ASP D 310 32.63 18.45 10.88
C ASP D 310 32.74 18.61 9.36
N ASP D 311 33.69 17.89 8.73
CA ASP D 311 33.73 17.89 7.27
C ASP D 311 32.38 17.45 6.70
N TYR D 312 31.79 16.39 7.27
CA TYR D 312 30.52 15.90 6.77
C TYR D 312 29.44 16.97 6.87
N LEU D 313 29.31 17.60 8.05
CA LEU D 313 28.34 18.69 8.21
C LEU D 313 28.74 19.96 7.47
N ARG D 314 29.96 20.06 6.93
CA ARG D 314 30.21 21.30 6.19
C ARG D 314 29.47 21.31 4.87
N MET D 315 29.10 20.15 4.32
CA MET D 315 28.46 20.13 3.03
C MET D 315 27.12 20.86 3.02
N PHE D 316 26.57 21.18 4.19
CA PHE D 316 25.24 21.75 4.33
C PHE D 316 25.21 23.27 4.52
N LEU D 317 26.35 23.93 4.69
CA LEU D 317 26.35 25.36 5.11
C LEU D 317 25.89 26.38 4.05
#